data_3HPT
#
_entry.id   3HPT
#
_cell.length_a   61.980
_cell.length_b   78.660
_cell.length_c   73.670
_cell.angle_alpha   90.00
_cell.angle_beta   102.49
_cell.angle_gamma   90.00
#
_symmetry.space_group_name_H-M   'P 1 21 1'
#
loop_
_entity.id
_entity.type
_entity.pdbx_description
1 polymer 'Coagulation factor X'
2 polymer 'Coagulation factor X'
3 non-polymer GLYCEROL
4 non-polymer 1-cyano-2-(2-methyl-1-benzofuran-5-yl)-3-[(3S)-2-oxo-1-(2-oxo-2-pyrrolidin-1-ylethyl)azepan-3-yl]guanidine
5 non-polymer 'CALCIUM ION'
6 non-polymer 'SODIUM ION'
7 non-polymer '2-(N-MORPHOLINO)-ETHANESULFONIC ACID'
8 non-polymer 'ACETATE ION'
9 non-polymer 'DIMETHYL SULFOXIDE'
10 water water
#
loop_
_entity_poly.entity_id
_entity_poly.type
_entity_poly.pdbx_seq_one_letter_code
_entity_poly.pdbx_strand_id
1 'polypeptide(L)'
;KDGDQCETSPCQNQGKCKDGLGEYTCTCLEGFEGKNCELFTRKLCSLDNGDCDQFCHEEQNSVVCSCARGYTLADNGKAC
IPTGPYPCGKQTLE
;
A,C
2 'polypeptide(L)'
;IVGGQECKDGECPWQALLINEENEGFCGGTILSEFYILTAAHCLYQAKRFKVRVGDRNTEQEEGGEAVHEVEVVIKHNRF
TKETYDFDIAVLRLKTPITFRMNVAPACLPERDWAESTLMTQKTGIVSGFGRTHEKGRQSTRLKMLEVPYVDRNSCKLSS
SFIITQNMFCAGYDTKQEDACQGDSGGPHVTRFKDTYFVTGIVSWGEGCARKGKYGIYTKVTAFLKWIDRSMKTRGLP
;
B,D
#
loop_
_chem_comp.id
_chem_comp.type
_chem_comp.name
_chem_comp.formula
ACT non-polymer 'ACETATE ION' 'C2 H3 O2 -1'
CA non-polymer 'CALCIUM ION' 'Ca 2'
DMS non-polymer 'DIMETHYL SULFOXIDE' 'C2 H6 O S'
GOL non-polymer GLYCEROL 'C3 H8 O3'
MES non-polymer '2-(N-MORPHOLINO)-ETHANESULFONIC ACID' 'C6 H13 N O4 S'
NA non-polymer 'SODIUM ION' 'Na 1'
YET non-polymer 1-cyano-2-(2-methyl-1-benzofuran-5-yl)-3-[(3S)-2-oxo-1-(2-oxo-2-pyrrolidin-1-ylethyl)azepan-3-yl]guanidine 'C23 H28 N6 O3'
#
# COMPACT_ATOMS: atom_id res chain seq x y z
N CYS A 6 -5.38 -39.28 -5.69
CA CYS A 6 -6.24 -38.78 -6.80
C CYS A 6 -5.50 -37.76 -7.66
N SER A 9 -4.11 -37.17 -3.77
CA SER A 9 -4.21 -36.26 -2.63
C SER A 9 -4.10 -34.76 -2.99
N PRO A 10 -4.61 -34.34 -4.18
CA PRO A 10 -4.43 -32.94 -4.58
C PRO A 10 -5.37 -31.95 -3.84
N CYS A 11 -6.57 -32.40 -3.49
CA CYS A 11 -7.50 -31.59 -2.71
C CYS A 11 -7.05 -31.52 -1.26
N GLN A 12 -7.03 -30.31 -0.72
CA GLN A 12 -6.49 -30.07 0.63
C GLN A 12 -7.61 -30.04 1.67
N ASN A 13 -7.21 -30.05 2.95
CA ASN A 13 -8.13 -29.88 4.07
C ASN A 13 -9.37 -30.77 4.03
N GLN A 14 -9.13 -32.06 3.74
CA GLN A 14 -10.17 -33.10 3.67
C GLN A 14 -11.24 -32.85 2.60
N GLY A 15 -10.87 -32.14 1.54
CA GLY A 15 -11.73 -31.94 0.38
C GLY A 15 -11.80 -33.21 -0.45
N LYS A 16 -12.89 -33.38 -1.18
CA LYS A 16 -13.11 -34.60 -1.96
C LYS A 16 -12.63 -34.44 -3.40
N CYS A 17 -11.77 -35.36 -3.83
CA CYS A 17 -11.24 -35.33 -5.21
C CYS A 17 -12.05 -36.18 -6.18
N LYS A 18 -12.39 -35.58 -7.31
CA LYS A 18 -13.01 -36.25 -8.45
C LYS A 18 -12.23 -35.81 -9.69
N ASP A 19 -12.55 -36.39 -10.85
CA ASP A 19 -11.90 -35.96 -12.10
C ASP A 19 -12.84 -36.02 -13.31
N GLU A 23 -7.63 -33.56 -15.15
CA GLU A 23 -8.78 -32.66 -15.11
C GLU A 23 -9.60 -32.76 -13.81
N TYR A 24 -8.91 -32.99 -12.70
CA TYR A 24 -9.54 -33.21 -11.39
C TYR A 24 -10.34 -32.01 -10.85
N THR A 25 -11.29 -32.30 -9.95
CA THR A 25 -12.08 -31.30 -9.24
C THR A 25 -12.00 -31.55 -7.74
N CYS A 26 -12.23 -30.49 -6.96
CA CYS A 26 -12.31 -30.62 -5.51
C CYS A 26 -13.68 -30.16 -4.99
N THR A 27 -14.31 -31.01 -4.18
CA THR A 27 -15.52 -30.60 -3.49
C THR A 27 -15.12 -30.31 -2.06
N CYS A 28 -15.08 -29.02 -1.75
CA CYS A 28 -14.51 -28.55 -0.51
C CYS A 28 -15.45 -28.72 0.65
N LEU A 29 -14.89 -29.00 1.83
CA LEU A 29 -15.64 -28.94 3.08
C LEU A 29 -16.01 -27.50 3.36
N GLU A 30 -17.11 -27.30 4.07
CA GLU A 30 -17.51 -25.97 4.50
C GLU A 30 -16.38 -25.35 5.32
N GLY A 31 -16.06 -24.08 5.02
CA GLY A 31 -14.96 -23.38 5.67
C GLY A 31 -13.73 -23.26 4.78
N PHE A 32 -13.76 -23.91 3.62
CA PHE A 32 -12.62 -23.94 2.71
C PHE A 32 -13.01 -23.63 1.27
N GLU A 33 -12.14 -22.91 0.56
CA GLU A 33 -12.36 -22.58 -0.85
C GLU A 33 -11.05 -22.58 -1.63
N GLY A 34 -11.11 -22.11 -2.88
CA GLY A 34 -10.00 -22.24 -3.79
C GLY A 34 -10.17 -23.53 -4.57
N LYS A 35 -9.45 -23.65 -5.68
CA LYS A 35 -9.51 -24.83 -6.56
C LYS A 35 -9.18 -26.13 -5.84
N ASN A 36 -8.33 -26.05 -4.82
CA ASN A 36 -7.89 -27.21 -4.05
C ASN A 36 -8.25 -27.11 -2.56
N CYS A 37 -9.26 -26.29 -2.22
CA CYS A 37 -9.73 -26.15 -0.84
C CYS A 37 -8.61 -25.75 0.10
N GLU A 38 -7.68 -24.95 -0.41
CA GLU A 38 -6.46 -24.63 0.30
C GLU A 38 -6.57 -23.29 1.01
N LEU A 39 -7.67 -22.59 0.77
CA LEU A 39 -7.90 -21.24 1.30
C LEU A 39 -9.06 -21.25 2.30
N PHE A 40 -8.84 -20.74 3.52
CA PHE A 40 -9.89 -20.62 4.53
C PHE A 40 -10.89 -19.56 4.08
N THR A 41 -12.18 -19.88 4.14
CA THR A 41 -13.22 -18.88 3.89
C THR A 41 -13.42 -18.05 5.15
N ARG A 42 -13.25 -18.70 6.30
CA ARG A 42 -13.39 -18.04 7.60
C ARG A 42 -12.19 -17.13 7.79
N LYS A 43 -12.45 -15.83 7.88
CA LYS A 43 -11.39 -14.85 8.05
C LYS A 43 -11.79 -13.76 9.04
N LEU A 44 -10.79 -13.17 9.67
CA LEU A 44 -11.04 -12.02 10.52
C LEU A 44 -11.02 -10.73 9.67
N CYS A 45 -11.26 -9.60 10.31
CA CYS A 45 -11.50 -8.33 9.61
C CYS A 45 -10.28 -7.80 8.85
N SER A 46 -9.11 -8.33 9.18
CA SER A 46 -7.85 -7.90 8.57
C SER A 46 -7.72 -8.38 7.12
N LEU A 47 -8.57 -9.31 6.70
CA LEU A 47 -8.49 -9.89 5.37
C LEU A 47 -9.83 -9.77 4.64
N ASP A 48 -9.83 -9.04 3.52
CA ASP A 48 -11.02 -8.77 2.70
C ASP A 48 -12.18 -8.19 3.53
N ASN A 49 -11.85 -7.39 4.56
CA ASN A 49 -12.85 -6.82 5.47
C ASN A 49 -13.77 -7.89 6.10
N GLY A 50 -13.26 -9.12 6.23
CA GLY A 50 -14.04 -10.24 6.74
C GLY A 50 -15.24 -10.57 5.88
N ASP A 51 -15.21 -10.11 4.62
CA ASP A 51 -16.31 -10.27 3.66
C ASP A 51 -17.52 -9.38 3.96
N CYS A 52 -17.37 -8.43 4.88
CA CYS A 52 -18.43 -7.47 5.16
C CYS A 52 -18.44 -6.38 4.10
N ASP A 53 -19.65 -5.98 3.69
CA ASP A 53 -19.86 -4.83 2.80
C ASP A 53 -19.34 -3.53 3.41
N GLN A 54 -19.58 -3.35 4.71
CA GLN A 54 -19.22 -2.12 5.41
C GLN A 54 -18.41 -2.40 6.67
N PHE A 55 -19.02 -2.25 7.86
CA PHE A 55 -18.29 -2.42 9.12
C PHE A 55 -18.03 -3.88 9.47
N CYS A 56 -16.85 -4.14 10.04
CA CYS A 56 -16.45 -5.45 10.48
C CYS A 56 -15.88 -5.30 11.87
N HIS A 57 -16.29 -6.18 12.78
CA HIS A 57 -15.70 -6.29 14.10
C HIS A 57 -15.79 -7.73 14.57
N GLU A 58 -14.90 -8.09 15.49
CA GLU A 58 -14.79 -9.48 15.93
C GLU A 58 -15.38 -9.70 17.31
N GLU A 59 -16.14 -10.79 17.43
CA GLU A 59 -16.66 -11.25 18.69
C GLU A 59 -16.20 -12.69 18.87
N GLN A 60 -15.33 -12.91 19.86
CA GLN A 60 -14.77 -14.24 20.17
C GLN A 60 -14.25 -14.95 18.91
N ASN A 61 -13.15 -14.43 18.35
CA ASN A 61 -12.49 -15.00 17.17
C ASN A 61 -13.41 -15.20 15.95
N SER A 62 -14.45 -14.37 15.87
CA SER A 62 -15.49 -14.51 14.86
C SER A 62 -15.93 -13.12 14.36
N VAL A 63 -16.23 -13.04 13.07
CA VAL A 63 -16.57 -11.78 12.43
C VAL A 63 -18.07 -11.47 12.50
N VAL A 64 -18.39 -10.26 12.95
CA VAL A 64 -19.73 -9.72 12.91
C VAL A 64 -19.69 -8.45 12.06
N CYS A 65 -20.49 -8.45 10.99
CA CYS A 65 -20.61 -7.31 10.09
C CYS A 65 -21.75 -6.39 10.53
N SER A 66 -21.57 -5.10 10.25
CA SER A 66 -22.66 -4.14 10.41
C SER A 66 -22.70 -3.10 9.29
N CYS A 67 -23.70 -2.23 9.35
CA CYS A 67 -23.92 -1.23 8.34
C CYS A 67 -24.15 0.16 8.93
N ALA A 68 -23.89 1.18 8.12
CA ALA A 68 -24.06 2.57 8.54
C ALA A 68 -25.54 2.98 8.54
N ARG A 69 -25.83 4.23 8.92
CA ARG A 69 -27.20 4.75 8.95
CA ARG A 69 -27.21 4.74 8.96
C ARG A 69 -27.87 4.69 7.59
N GLY A 70 -29.08 4.15 7.55
CA GLY A 70 -29.83 4.06 6.28
C GLY A 70 -29.44 2.84 5.47
N TYR A 71 -28.95 1.82 6.16
CA TYR A 71 -28.72 0.49 5.59
C TYR A 71 -29.17 -0.52 6.62
N THR A 72 -29.67 -1.66 6.18
CA THR A 72 -29.87 -2.80 7.09
C THR A 72 -28.99 -3.97 6.65
N LEU A 73 -28.51 -4.72 7.64
CA LEU A 73 -27.70 -5.90 7.36
C LEU A 73 -28.54 -6.97 6.70
N ALA A 74 -28.09 -7.47 5.55
CA ALA A 74 -28.80 -8.54 4.85
C ALA A 74 -28.88 -9.81 5.68
N ASP A 75 -29.75 -10.74 5.27
CA ASP A 75 -29.94 -11.99 6.02
C ASP A 75 -28.64 -12.81 6.07
N ASN A 76 -27.85 -12.74 5.00
CA ASN A 76 -26.54 -13.39 4.92
C ASN A 76 -25.51 -12.86 5.94
N GLY A 77 -25.85 -11.76 6.62
CA GLY A 77 -25.00 -11.17 7.65
C GLY A 77 -23.77 -10.44 7.15
N LYS A 78 -23.67 -10.22 5.84
CA LYS A 78 -22.52 -9.54 5.24
C LYS A 78 -22.90 -8.27 4.47
N ALA A 79 -23.92 -8.37 3.60
CA ALA A 79 -24.33 -7.25 2.74
C ALA A 79 -25.14 -6.20 3.48
N CYS A 80 -25.07 -4.96 2.97
CA CYS A 80 -25.80 -3.84 3.52
C CYS A 80 -26.87 -3.38 2.54
N ILE A 81 -28.12 -3.37 3.00
CA ILE A 81 -29.25 -3.02 2.12
C ILE A 81 -29.73 -1.59 2.38
N PRO A 82 -29.74 -0.75 1.33
CA PRO A 82 -30.27 0.60 1.53
C PRO A 82 -31.76 0.60 1.91
N THR A 83 -32.20 1.64 2.61
CA THR A 83 -33.58 1.77 3.03
C THR A 83 -34.31 2.84 2.20
N GLY A 84 -33.63 3.32 1.16
CA GLY A 84 -34.13 4.40 0.33
C GLY A 84 -33.13 4.75 -0.74
N PRO A 85 -33.49 5.67 -1.67
CA PRO A 85 -32.62 6.08 -2.79
C PRO A 85 -31.43 6.97 -2.41
N TYR A 86 -31.37 7.43 -1.17
CA TYR A 86 -30.27 8.30 -0.73
C TYR A 86 -29.55 7.80 0.55
N PRO A 87 -29.03 6.55 0.51
CA PRO A 87 -28.33 6.03 1.66
C PRO A 87 -26.98 6.77 1.81
N CYS A 88 -26.43 6.79 3.02
CA CYS A 88 -25.23 7.55 3.25
C CYS A 88 -24.10 7.04 2.36
N GLY A 89 -23.26 7.97 1.90
CA GLY A 89 -21.96 7.63 1.33
C GLY A 89 -21.99 7.20 -0.11
N LYS A 90 -23.16 7.27 -0.74
CA LYS A 90 -23.26 6.99 -2.17
C LYS A 90 -23.36 8.28 -2.96
N GLN A 91 -22.47 8.44 -3.93
CA GLN A 91 -22.58 9.51 -4.91
C GLN A 91 -23.96 9.39 -5.56
N THR A 92 -24.65 10.51 -5.78
CA THR A 92 -26.04 10.45 -6.27
C THR A 92 -26.07 10.26 -7.78
N LEU A 93 -26.72 9.18 -8.19
CA LEU A 93 -26.93 8.87 -9.61
C LEU A 93 -28.05 9.73 -10.23
N GLU A 94 -29.03 10.09 -9.39
CA GLU A 94 -30.25 10.77 -9.84
C GLU A 94 -30.93 11.45 -8.67
N ILE B 1 -9.82 24.81 -2.74
CA ILE B 1 -9.01 23.63 -3.18
C ILE B 1 -8.02 24.05 -4.26
N VAL B 2 -6.73 23.86 -3.99
CA VAL B 2 -5.67 24.12 -4.96
C VAL B 2 -5.41 22.83 -5.76
N GLY B 3 -5.47 22.92 -7.08
CA GLY B 3 -5.38 21.73 -7.93
C GLY B 3 -6.66 20.93 -7.89
N GLY B 4 -6.56 19.62 -8.02
CA GLY B 4 -7.75 18.76 -8.03
C GLY B 4 -8.61 19.05 -9.24
N GLN B 5 -9.92 18.83 -9.12
CA GLN B 5 -10.85 19.09 -10.22
C GLN B 5 -12.25 19.39 -9.70
N GLU B 6 -13.09 19.95 -10.57
CA GLU B 6 -14.48 20.24 -10.21
C GLU B 6 -15.23 18.95 -9.92
N CYS B 7 -16.11 18.97 -8.92
CA CYS B 7 -17.02 17.84 -8.71
C CYS B 7 -18.06 17.80 -9.81
N LYS B 8 -18.23 16.63 -10.41
CA LYS B 8 -19.28 16.40 -11.38
C LYS B 8 -20.62 16.26 -10.66
N ASP B 9 -21.70 16.38 -11.42
CA ASP B 9 -23.06 16.20 -10.92
C ASP B 9 -23.13 14.94 -10.05
N GLY B 10 -23.51 15.11 -8.79
CA GLY B 10 -23.74 13.99 -7.86
C GLY B 10 -22.50 13.39 -7.22
N GLU B 11 -21.34 13.92 -7.57
CA GLU B 11 -20.07 13.39 -7.08
C GLU B 11 -19.75 13.78 -5.65
N CYS B 12 -20.09 15.01 -5.25
CA CYS B 12 -19.72 15.48 -3.90
C CYS B 12 -20.96 15.93 -3.13
N PRO B 13 -21.97 15.04 -2.99
CA PRO B 13 -23.30 15.43 -2.53
C PRO B 13 -23.42 15.80 -1.04
N TRP B 14 -22.44 15.41 -0.25
CA TRP B 14 -22.42 15.70 1.20
C TRP B 14 -21.80 17.04 1.54
N GLN B 15 -21.27 17.72 0.53
CA GLN B 15 -20.72 19.05 0.76
C GLN B 15 -21.84 19.98 1.20
N ALA B 16 -21.57 20.74 2.25
CA ALA B 16 -22.42 21.83 2.69
C ALA B 16 -21.59 23.10 2.66
N LEU B 17 -22.24 24.24 2.64
CA LEU B 17 -21.56 25.51 2.62
C LEU B 17 -22.14 26.44 3.69
N LEU B 18 -21.28 26.97 4.55
CA LEU B 18 -21.72 27.94 5.52
C LEU B 18 -21.70 29.31 4.86
N ILE B 19 -22.84 29.98 4.85
CA ILE B 19 -22.97 31.31 4.24
C ILE B 19 -23.25 32.38 5.30
N ASN B 20 -22.53 33.49 5.23
CA ASN B 20 -22.63 34.53 6.26
C ASN B 20 -23.80 35.50 6.02
N GLU B 21 -23.79 36.64 6.71
CA GLU B 21 -24.86 37.63 6.65
C GLU B 21 -25.09 38.12 5.23
N GLU B 22 -23.99 38.23 4.48
CA GLU B 22 -24.00 38.71 3.10
C GLU B 22 -24.29 37.60 2.10
N ASN B 23 -24.65 36.42 2.62
CA ASN B 23 -24.88 35.23 1.82
C ASN B 23 -23.65 34.79 1.01
N GLU B 24 -22.47 35.08 1.55
CA GLU B 24 -21.21 34.59 0.98
C GLU B 24 -20.73 33.37 1.78
N GLY B 25 -20.20 32.37 1.06
CA GLY B 25 -19.62 31.20 1.70
C GLY B 25 -18.33 31.56 2.39
N PHE B 26 -18.16 31.09 3.64
CA PHE B 26 -16.95 31.39 4.40
C PHE B 26 -16.26 30.14 4.95
N CYS B 27 -16.99 29.02 4.97
CA CYS B 27 -16.46 27.75 5.43
C CYS B 27 -17.29 26.65 4.81
N GLY B 28 -16.79 25.42 4.87
CA GLY B 28 -17.53 24.26 4.38
C GLY B 28 -18.17 23.48 5.50
N GLY B 29 -18.80 22.37 5.13
CA GLY B 29 -19.41 21.45 6.09
C GLY B 29 -19.70 20.13 5.43
N THR B 30 -20.04 19.14 6.24
CA THR B 30 -20.44 17.83 5.75
C THR B 30 -21.83 17.48 6.24
N ILE B 31 -22.70 17.08 5.30
CA ILE B 31 -24.03 16.61 5.63
C ILE B 31 -23.92 15.23 6.27
N LEU B 32 -24.52 15.07 7.45
CA LEU B 32 -24.47 13.81 8.19
C LEU B 32 -25.83 13.14 8.21
N SER B 33 -26.89 13.94 8.13
CA SER B 33 -28.26 13.43 8.05
C SER B 33 -29.16 14.60 7.67
N GLU B 34 -30.47 14.37 7.66
CA GLU B 34 -31.43 15.43 7.29
C GLU B 34 -31.34 16.65 8.19
N PHE B 35 -30.96 16.46 9.45
CA PHE B 35 -30.93 17.55 10.41
C PHE B 35 -29.53 18.01 10.86
N TYR B 36 -28.49 17.24 10.53
CA TYR B 36 -27.16 17.51 11.09
C TYR B 36 -26.04 17.78 10.09
N ILE B 37 -25.30 18.86 10.34
CA ILE B 37 -24.10 19.22 9.58
C ILE B 37 -22.86 19.14 10.47
N LEU B 38 -21.78 18.55 9.94
CA LEU B 38 -20.49 18.55 10.62
C LEU B 38 -19.63 19.70 10.05
N THR B 39 -19.04 20.49 10.94
CA THR B 39 -18.13 21.54 10.53
C THR B 39 -17.01 21.71 11.56
N ALA B 40 -16.19 22.74 11.38
CA ALA B 40 -15.10 23.03 12.30
C ALA B 40 -15.55 24.07 13.30
N ALA B 41 -15.16 23.89 14.56
CA ALA B 41 -15.43 24.87 15.61
C ALA B 41 -14.93 26.27 15.25
N HIS B 42 -13.74 26.36 14.65
CA HIS B 42 -13.12 27.66 14.42
C HIS B 42 -13.95 28.53 13.47
N CYS B 43 -14.69 27.88 12.58
CA CYS B 43 -15.55 28.53 11.58
C CYS B 43 -16.68 29.33 12.22
N LEU B 44 -17.16 28.86 13.36
CA LEU B 44 -18.25 29.49 14.09
C LEU B 44 -17.91 30.93 14.51
N TYR B 45 -16.63 31.17 14.77
CA TYR B 45 -16.16 32.49 15.23
C TYR B 45 -15.87 33.46 14.06
N GLN B 46 -16.21 33.06 12.84
CA GLN B 46 -15.83 33.82 11.64
C GLN B 46 -17.03 34.41 10.87
N ALA B 47 -18.20 34.40 11.51
CA ALA B 47 -19.37 35.09 10.99
C ALA B 47 -20.31 35.46 12.13
N LYS B 48 -20.87 36.67 12.07
CA LYS B 48 -21.85 37.16 13.04
C LYS B 48 -23.09 36.25 13.06
N ARG B 49 -23.72 36.11 11.91
CA ARG B 49 -24.83 35.16 11.71
C ARG B 49 -24.50 34.28 10.52
N PHE B 50 -24.99 33.04 10.51
CA PHE B 50 -24.81 32.16 9.36
C PHE B 50 -25.93 31.15 9.14
N LYS B 51 -26.01 30.67 7.90
CA LYS B 51 -26.94 29.63 7.47
C LYS B 51 -26.18 28.57 6.68
N VAL B 52 -26.86 27.50 6.29
CA VAL B 52 -26.20 26.39 5.60
C VAL B 52 -26.84 26.18 4.23
N ARG B 53 -26.01 26.22 3.19
CA ARG B 53 -26.48 25.96 1.83
C ARG B 53 -26.06 24.55 1.41
N VAL B 54 -26.99 23.79 0.86
CA VAL B 54 -26.71 22.44 0.35
C VAL B 54 -27.07 22.35 -1.12
N GLY B 55 -26.35 21.50 -1.84
CA GLY B 55 -26.63 21.28 -3.25
C GLY B 55 -26.12 22.37 -4.17
N ASP B 56 -25.27 23.25 -3.66
CA ASP B 56 -24.64 24.28 -4.48
C ASP B 56 -23.42 23.72 -5.22
N ARG B 57 -23.32 24.04 -6.50
CA ARG B 57 -22.21 23.56 -7.34
C ARG B 57 -21.46 24.76 -7.89
N ASN B 58 -22.23 25.77 -8.31
CA ASN B 58 -21.68 27.06 -8.70
C ASN B 58 -22.37 28.20 -7.97
N THR B 59 -21.59 29.01 -7.26
CA THR B 59 -22.11 30.11 -6.45
C THR B 59 -22.50 31.36 -7.27
N GLU B 60 -21.95 31.50 -8.48
CA GLU B 60 -22.20 32.66 -9.33
C GLU B 60 -23.61 32.69 -9.94
N GLN B 61 -24.23 31.52 -10.07
CA GLN B 61 -25.62 31.41 -10.56
C GLN B 61 -26.54 30.64 -9.62
N GLU B 62 -27.81 31.02 -9.56
CA GLU B 62 -28.83 30.25 -8.86
C GLU B 62 -29.36 29.16 -9.78
N GLU B 63 -28.63 28.03 -9.82
CA GLU B 63 -28.92 26.92 -10.73
C GLU B 63 -30.22 26.17 -10.43
N GLY B 64 -30.83 26.47 -9.29
CA GLY B 64 -31.93 25.66 -8.77
C GLY B 64 -31.33 24.43 -8.11
N GLY B 65 -32.14 23.70 -7.34
CA GLY B 65 -31.63 22.53 -6.62
C GLY B 65 -30.82 22.85 -5.37
N GLU B 66 -30.42 24.10 -5.21
CA GLU B 66 -29.80 24.58 -3.98
C GLU B 66 -30.86 24.81 -2.91
N ALA B 67 -30.48 24.61 -1.65
CA ALA B 67 -31.37 24.89 -0.54
C ALA B 67 -30.60 25.53 0.62
N VAL B 68 -31.25 26.49 1.27
CA VAL B 68 -30.64 27.16 2.41
C VAL B 68 -31.39 26.77 3.69
N HIS B 69 -30.63 26.30 4.67
CA HIS B 69 -31.23 25.90 5.93
C HIS B 69 -30.71 26.78 7.06
N GLU B 70 -31.63 27.17 7.93
CA GLU B 70 -31.31 27.90 9.14
C GLU B 70 -30.84 26.96 10.23
N VAL B 71 -29.96 27.45 11.09
CA VAL B 71 -29.38 26.65 12.16
C VAL B 71 -30.29 26.76 13.38
N GLU B 72 -30.75 25.62 13.91
CA GLU B 72 -31.50 25.61 15.15
C GLU B 72 -30.57 25.61 16.38
N VAL B 73 -29.59 24.70 16.39
CA VAL B 73 -28.68 24.55 17.53
C VAL B 73 -27.24 24.44 17.03
N VAL B 74 -26.35 25.23 17.60
CA VAL B 74 -24.92 25.02 17.36
C VAL B 74 -24.32 24.29 18.55
N ILE B 75 -23.72 23.15 18.23
CA ILE B 75 -23.10 22.28 19.19
C ILE B 75 -21.59 22.34 18.92
N LYS B 76 -20.93 23.34 19.52
CA LYS B 76 -19.49 23.44 19.45
C LYS B 76 -18.89 22.48 20.45
N HIS B 77 -17.79 21.82 20.10
CA HIS B 77 -17.10 20.98 21.09
C HIS B 77 -16.57 21.88 22.20
N ASN B 78 -17.02 21.64 23.44
CA ASN B 78 -16.65 22.51 24.56
CA ASN B 78 -16.65 22.49 24.57
C ASN B 78 -15.15 22.55 24.80
N ARG B 79 -14.43 21.55 24.31
CA ARG B 79 -12.98 21.54 24.46
C ARG B 79 -12.21 22.22 23.33
N PHE B 80 -12.91 22.80 22.34
CA PHE B 80 -12.23 23.54 21.28
C PHE B 80 -11.27 24.57 21.88
N THR B 81 -10.02 24.52 21.43
CA THR B 81 -8.96 25.40 21.94
C THR B 81 -8.39 26.30 20.83
N LYS B 82 -8.57 27.60 21.02
CA LYS B 82 -8.31 28.61 19.99
C LYS B 82 -6.85 28.70 19.60
N GLU B 83 -5.94 28.55 20.56
CA GLU B 83 -4.51 28.70 20.23
C GLU B 83 -3.91 27.50 19.51
N THR B 84 -4.51 26.32 19.64
CA THR B 84 -3.98 25.14 18.97
C THR B 84 -4.90 24.57 17.87
N TYR B 85 -6.18 24.94 17.92
CA TYR B 85 -7.26 24.33 17.09
C TYR B 85 -7.49 22.85 17.44
N ASP B 86 -7.10 22.46 18.65
CA ASP B 86 -7.43 21.12 19.12
C ASP B 86 -8.93 21.10 19.39
N PHE B 87 -9.56 19.95 19.17
CA PHE B 87 -11.03 19.78 19.24
C PHE B 87 -11.75 20.74 18.27
N ASP B 88 -11.22 20.86 17.05
CA ASP B 88 -11.80 21.74 16.03
C ASP B 88 -12.96 21.04 15.32
N ILE B 89 -14.09 21.00 16.02
CA ILE B 89 -15.25 20.26 15.54
C ILE B 89 -16.50 20.89 16.13
N ALA B 90 -17.57 20.87 15.35
CA ALA B 90 -18.88 21.34 15.76
C ALA B 90 -19.92 20.59 14.95
N VAL B 91 -21.11 20.45 15.51
CA VAL B 91 -22.26 19.91 14.79
C VAL B 91 -23.33 21.01 14.81
N LEU B 92 -24.08 21.12 13.72
CA LEU B 92 -25.20 22.05 13.65
C LEU B 92 -26.47 21.27 13.42
N ARG B 93 -27.46 21.45 14.28
CA ARG B 93 -28.80 20.97 14.00
C ARG B 93 -29.59 22.05 13.27
N LEU B 94 -30.21 21.68 12.15
CA LEU B 94 -30.96 22.60 11.31
C LEU B 94 -32.44 22.68 11.71
N LYS B 95 -33.04 23.86 11.55
CA LYS B 95 -34.47 24.09 11.83
C LYS B 95 -35.38 23.22 10.98
N THR B 96 -35.05 23.14 9.68
CA THR B 96 -35.83 22.32 8.74
C THR B 96 -34.96 21.24 8.07
N PRO B 97 -35.52 20.03 7.89
CA PRO B 97 -34.72 18.92 7.38
C PRO B 97 -34.29 19.11 5.95
N ILE B 98 -33.13 18.56 5.62
CA ILE B 98 -32.63 18.54 4.25
C ILE B 98 -33.42 17.52 3.45
N THR B 99 -33.89 17.93 2.27
CA THR B 99 -34.49 17.02 1.29
C THR B 99 -33.35 16.43 0.47
N PHE B 100 -33.06 15.14 0.68
CA PHE B 100 -32.02 14.50 -0.11
C PHE B 100 -32.49 14.40 -1.55
N ARG B 101 -31.57 14.70 -2.46
CA ARG B 101 -31.88 14.78 -3.89
C ARG B 101 -30.55 14.62 -4.61
N MET B 102 -30.58 14.70 -5.94
CA MET B 102 -29.36 14.77 -6.73
C MET B 102 -28.44 15.84 -6.13
N ASN B 103 -27.18 15.45 -5.89
CA ASN B 103 -26.16 16.36 -5.32
C ASN B 103 -26.33 16.72 -3.84
N VAL B 104 -27.21 16.00 -3.14
CA VAL B 104 -27.52 16.29 -1.75
C VAL B 104 -27.81 14.98 -1.04
N ALA B 105 -26.80 14.48 -0.32
CA ALA B 105 -26.88 13.19 0.34
C ALA B 105 -25.87 13.15 1.46
N PRO B 106 -26.16 12.41 2.55
CA PRO B 106 -25.23 12.35 3.69
C PRO B 106 -24.03 11.45 3.42
N ALA B 107 -22.89 11.80 4.02
CA ALA B 107 -21.73 10.91 4.05
C ALA B 107 -21.90 10.01 5.26
N CYS B 108 -21.29 8.83 5.26
CA CYS B 108 -21.46 7.88 6.36
C CYS B 108 -20.51 8.19 7.49
N LEU B 109 -21.01 8.09 8.72
CA LEU B 109 -20.12 8.09 9.86
C LEU B 109 -19.69 6.64 10.07
N PRO B 110 -18.38 6.39 10.07
CA PRO B 110 -17.88 5.03 10.27
C PRO B 110 -17.87 4.61 11.73
N GLU B 111 -17.82 3.30 11.98
CA GLU B 111 -17.56 2.78 13.32
C GLU B 111 -16.10 3.08 13.68
N ARG B 112 -15.85 3.52 14.91
CA ARG B 112 -14.50 4.00 15.30
C ARG B 112 -13.35 3.03 15.01
N ASP B 113 -13.39 1.85 15.62
CA ASP B 113 -12.32 0.85 15.50
C ASP B 113 -12.09 0.41 14.06
N TRP B 114 -13.18 0.16 13.34
CA TRP B 114 -13.09 -0.24 11.94
C TRP B 114 -12.50 0.89 11.08
N ALA B 115 -12.90 2.12 11.36
CA ALA B 115 -12.34 3.27 10.65
C ALA B 115 -10.82 3.38 10.86
N GLU B 116 -10.36 3.22 12.09
CA GLU B 116 -8.92 3.27 12.41
C GLU B 116 -8.14 2.24 11.59
N SER B 117 -8.61 1.00 11.60
CA SER B 117 -7.89 -0.10 10.95
C SER B 117 -8.11 -0.21 9.43
N THR B 118 -9.26 0.29 8.94
CA THR B 118 -9.65 0.09 7.54
C THR B 118 -9.69 1.36 6.67
N LEU B 119 -9.93 2.52 7.29
CA LEU B 119 -10.00 3.76 6.52
C LEU B 119 -8.72 4.55 6.65
N MET B 120 -8.25 4.74 7.89
CA MET B 120 -7.02 5.52 8.13
C MET B 120 -5.76 4.82 7.56
N THR B 121 -5.88 3.54 7.22
CA THR B 121 -4.75 2.78 6.67
C THR B 121 -4.78 2.73 5.15
N GLN B 122 -5.63 3.55 4.52
CA GLN B 122 -5.69 3.65 3.06
C GLN B 122 -4.63 4.63 2.58
N LYS B 123 -4.33 4.58 1.29
CA LYS B 123 -3.36 5.51 0.70
C LYS B 123 -3.88 6.94 0.71
N THR B 124 -5.16 7.12 0.41
CA THR B 124 -5.73 8.45 0.19
C THR B 124 -7.13 8.65 0.77
N GLY B 125 -7.50 9.92 0.93
CA GLY B 125 -8.87 10.33 1.16
C GLY B 125 -9.17 11.45 0.18
N ILE B 126 -10.42 11.92 0.15
CA ILE B 126 -10.82 13.03 -0.71
C ILE B 126 -11.29 14.22 0.12
N VAL B 127 -10.70 15.37 -0.14
CA VAL B 127 -11.11 16.64 0.45
C VAL B 127 -11.85 17.48 -0.61
N SER B 128 -12.86 18.24 -0.19
CA SER B 128 -13.59 19.08 -1.13
C SER B 128 -14.01 20.44 -0.55
N GLY B 129 -14.41 21.37 -1.43
CA GLY B 129 -14.90 22.67 -1.00
C GLY B 129 -14.88 23.77 -2.06
N PHE B 130 -15.38 24.94 -1.66
CA PHE B 130 -15.46 26.12 -2.53
C PHE B 130 -14.31 27.07 -2.27
N GLY B 131 -13.29 26.61 -1.53
CA GLY B 131 -12.20 27.49 -1.08
C GLY B 131 -11.32 27.96 -2.21
N ARG B 132 -10.33 28.79 -1.87
CA ARG B 132 -9.40 29.37 -2.86
C ARG B 132 -8.76 28.28 -3.69
N THR B 133 -8.71 28.52 -5.01
CA THR B 133 -8.12 27.59 -5.98
C THR B 133 -6.61 27.80 -6.12
N HIS B 134 -6.12 28.81 -5.41
CA HIS B 134 -4.70 29.11 -5.36
C HIS B 134 -4.44 29.73 -4.00
N GLU B 135 -2.89 29.63 -2.87
CA GLU B 135 -2.74 30.44 -1.67
C GLU B 135 -3.00 31.92 -1.97
N LYS B 136 -2.56 32.37 -3.14
CA LYS B 136 -2.60 33.79 -3.51
C LYS B 136 -3.79 34.16 -4.41
N GLY B 137 -4.66 33.19 -4.68
CA GLY B 137 -5.78 33.36 -5.62
C GLY B 137 -7.11 33.67 -4.98
N ARG B 138 -8.19 33.26 -5.65
CA ARG B 138 -9.56 33.58 -5.22
C ARG B 138 -10.41 32.33 -4.99
N GLN B 139 -11.40 32.44 -4.12
CA GLN B 139 -12.35 31.36 -3.83
C GLN B 139 -13.05 30.85 -5.09
N SER B 140 -13.17 29.54 -5.20
CA SER B 140 -13.85 28.91 -6.32
C SER B 140 -15.35 29.19 -6.28
N THR B 141 -15.92 29.48 -7.45
CA THR B 141 -17.37 29.53 -7.56
C THR B 141 -17.92 28.13 -7.79
N ARG B 142 -17.03 27.19 -8.09
CA ARG B 142 -17.40 25.81 -8.35
C ARG B 142 -16.80 24.87 -7.30
N LEU B 143 -17.62 23.91 -6.88
CA LEU B 143 -17.20 22.93 -5.90
C LEU B 143 -16.12 22.05 -6.49
N LYS B 144 -14.98 21.98 -5.82
CA LYS B 144 -13.89 21.13 -6.26
C LYS B 144 -13.62 20.01 -5.26
N MET B 145 -12.96 18.97 -5.75
CA MET B 145 -12.48 17.87 -4.93
C MET B 145 -11.03 17.59 -5.28
N LEU B 146 -10.35 16.87 -4.40
CA LEU B 146 -8.93 16.62 -4.50
C LEU B 146 -8.65 15.35 -3.72
N GLU B 147 -7.98 14.40 -4.35
CA GLU B 147 -7.49 13.22 -3.66
C GLU B 147 -6.21 13.58 -2.92
N VAL B 148 -6.18 13.30 -1.62
CA VAL B 148 -5.01 13.62 -0.81
C VAL B 148 -4.51 12.39 -0.09
N PRO B 149 -3.22 12.05 -0.30
CA PRO B 149 -2.55 10.98 0.46
C PRO B 149 -2.54 11.27 1.94
N TYR B 150 -2.83 10.25 2.73
CA TYR B 150 -2.61 10.27 4.17
C TYR B 150 -1.11 10.37 4.42
N VAL B 151 -0.72 11.16 5.41
CA VAL B 151 0.67 11.33 5.79
C VAL B 151 0.83 10.77 7.20
N ASP B 152 1.88 9.97 7.42
CA ASP B 152 2.12 9.37 8.74
C ASP B 152 2.36 10.44 9.80
N ARG B 153 1.96 10.13 11.03
CA ARG B 153 1.95 11.11 12.10
C ARG B 153 3.32 11.74 12.38
N ASN B 154 4.38 10.95 12.29
CA ASN B 154 5.73 11.47 12.56
C ASN B 154 6.16 12.50 11.56
N SER B 155 5.97 12.19 10.28
CA SER B 155 6.24 13.12 9.19
C SER B 155 5.35 14.35 9.33
N CYS B 156 4.10 14.13 9.76
CA CYS B 156 3.17 15.24 10.01
C CYS B 156 3.79 16.21 11.02
N LYS B 157 4.13 15.69 12.19
CA LYS B 157 4.64 16.49 13.31
C LYS B 157 5.92 17.23 12.96
N LEU B 158 6.87 16.55 12.33
CA LEU B 158 8.14 17.19 12.00
C LEU B 158 8.06 18.20 10.85
N SER B 159 7.04 18.09 10.00
CA SER B 159 6.79 19.08 8.96
C SER B 159 6.24 20.40 9.51
N SER B 160 5.58 20.35 10.66
CA SER B 160 4.78 21.47 11.17
C SER B 160 5.50 22.38 12.17
N SER B 161 5.27 23.68 12.05
CA SER B 161 5.74 24.67 13.02
C SER B 161 4.92 24.61 14.32
N PHE B 162 3.70 24.09 14.22
CA PHE B 162 2.78 24.07 15.36
C PHE B 162 2.43 22.66 15.79
N ILE B 163 1.94 22.54 17.03
CA ILE B 163 1.58 21.26 17.64
C ILE B 163 0.54 20.49 16.80
N ILE B 164 0.84 19.24 16.47
CA ILE B 164 -0.16 18.31 15.94
C ILE B 164 -0.61 17.40 17.08
N THR B 165 -1.81 17.67 17.63
CA THR B 165 -2.38 16.79 18.64
C THR B 165 -2.85 15.45 18.06
N GLN B 166 -3.19 14.50 18.94
CA GLN B 166 -3.75 13.22 18.53
C GLN B 166 -5.16 13.34 17.92
N ASN B 167 -5.73 14.55 17.94
CA ASN B 167 -7.05 14.80 17.36
C ASN B 167 -6.95 15.47 15.98
N MET B 168 -5.75 15.35 15.40
CA MET B 168 -5.44 15.92 14.10
C MET B 168 -4.65 14.90 13.31
N PHE B 169 -4.77 14.97 11.99
CA PHE B 169 -3.86 14.24 11.10
C PHE B 169 -3.45 15.09 9.90
N CYS B 170 -2.35 14.71 9.23
CA CYS B 170 -1.89 15.37 8.00
C CYS B 170 -2.31 14.58 6.77
N ALA B 171 -2.64 15.31 5.72
CA ALA B 171 -2.96 14.72 4.43
C ALA B 171 -2.55 15.68 3.34
N GLY B 172 -2.06 15.14 2.23
CA GLY B 172 -1.67 15.96 1.09
C GLY B 172 -0.30 15.60 0.54
N TYR B 173 0.38 16.59 0.01
CA TYR B 173 1.62 16.37 -0.74
C TYR B 173 2.76 17.19 -0.17
N ASP B 174 3.97 16.67 -0.28
CA ASP B 174 5.17 17.38 0.15
C ASP B 174 5.37 18.64 -0.72
N THR B 175 5.57 18.43 -2.02
CA THR B 175 5.87 19.53 -2.93
C THR B 175 4.84 19.70 -4.07
N LYS B 176 4.10 18.64 -4.39
CA LYS B 176 3.05 18.76 -5.42
C LYS B 176 2.09 19.88 -5.04
N GLN B 177 1.69 20.65 -6.04
CA GLN B 177 0.88 21.85 -5.78
C GLN B 177 -0.61 21.56 -5.77
N GLU B 178 -1.02 20.73 -4.80
CA GLU B 178 -2.41 20.39 -4.57
C GLU B 178 -2.65 20.32 -3.06
N ASP B 179 -3.70 21.01 -2.61
CA ASP B 179 -4.05 21.10 -1.19
C ASP B 179 -5.47 21.64 -1.04
N ALA B 180 -6.00 21.56 0.17
CA ALA B 180 -7.13 22.37 0.58
C ALA B 180 -6.57 23.78 0.88
N CYS B 181 -7.46 24.74 1.07
CA CYS B 181 -7.00 26.10 1.31
C CYS B 181 -8.01 26.86 2.17
N GLN B 182 -7.82 28.16 2.29
CA GLN B 182 -8.76 29.03 2.96
C GLN B 182 -10.11 29.03 2.25
N GLY B 183 -11.17 28.83 3.04
CA GLY B 183 -12.53 28.73 2.51
C GLY B 183 -13.02 27.30 2.53
N ASP B 184 -12.08 26.35 2.56
CA ASP B 184 -12.39 24.91 2.61
C ASP B 184 -12.64 24.40 4.03
N SER B 185 -12.13 25.17 5.00
CA SER B 185 -12.27 24.86 6.43
C SER B 185 -13.68 24.46 6.82
N GLY B 186 -13.80 23.39 7.62
CA GLY B 186 -15.10 22.88 8.02
C GLY B 186 -15.60 21.77 7.11
N GLY B 187 -15.06 21.74 5.89
CA GLY B 187 -15.53 20.82 4.83
C GLY B 187 -15.14 19.37 5.01
N PRO B 188 -15.62 18.50 4.12
CA PRO B 188 -15.45 17.05 4.24
C PRO B 188 -14.05 16.60 3.89
N HIS B 189 -13.56 15.63 4.64
CA HIS B 189 -12.49 14.76 4.18
C HIS B 189 -13.10 13.37 4.32
N VAL B 190 -13.25 12.67 3.20
CA VAL B 190 -13.93 11.38 3.21
C VAL B 190 -13.01 10.32 2.65
N THR B 191 -13.21 9.08 3.09
CA THR B 191 -12.42 7.95 2.66
C THR B 191 -13.38 6.90 2.10
N ARG B 192 -13.08 6.47 0.88
CA ARG B 192 -13.89 5.50 0.18
C ARG B 192 -13.56 4.07 0.61
N PHE B 193 -14.58 3.28 0.92
CA PHE B 193 -14.38 1.84 1.05
C PHE B 193 -15.51 1.08 0.36
N LYS B 194 -15.15 0.27 -0.62
CA LYS B 194 -16.13 -0.45 -1.47
C LYS B 194 -17.28 0.45 -1.93
N ASP B 195 -16.96 1.45 -2.73
CA ASP B 195 -17.97 2.36 -3.31
C ASP B 195 -18.85 3.14 -2.32
N THR B 196 -18.39 3.30 -1.08
CA THR B 196 -19.14 4.04 -0.06
C THR B 196 -18.17 4.97 0.66
N TYR B 197 -18.60 6.21 0.82
CA TYR B 197 -17.74 7.25 1.35
C TYR B 197 -18.07 7.53 2.81
N PHE B 198 -17.02 7.53 3.63
CA PHE B 198 -17.14 7.68 5.07
C PHE B 198 -16.41 8.93 5.50
N VAL B 199 -16.97 9.68 6.44
CA VAL B 199 -16.35 10.90 6.98
C VAL B 199 -15.13 10.49 7.80
N THR B 200 -13.96 11.04 7.44
CA THR B 200 -12.72 10.74 8.16
C THR B 200 -12.03 11.97 8.72
N GLY B 201 -12.38 13.14 8.20
CA GLY B 201 -11.76 14.38 8.66
C GLY B 201 -12.59 15.61 8.41
N ILE B 202 -12.19 16.70 9.06
CA ILE B 202 -12.76 18.01 8.85
C ILE B 202 -11.58 18.92 8.46
N VAL B 203 -11.75 19.73 7.42
CA VAL B 203 -10.70 20.67 7.03
C VAL B 203 -10.48 21.65 8.19
N SER B 204 -9.28 21.67 8.73
CA SER B 204 -9.03 22.47 9.95
C SER B 204 -8.09 23.66 9.70
N TRP B 205 -6.82 23.39 9.42
CA TRP B 205 -5.83 24.44 9.26
C TRP B 205 -4.61 24.01 8.44
N GLY B 206 -3.76 24.98 8.15
CA GLY B 206 -2.53 24.73 7.42
C GLY B 206 -1.69 25.98 7.30
N GLU B 207 -0.39 25.79 7.08
CA GLU B 207 0.54 26.89 6.93
C GLU B 207 0.65 27.25 5.45
N GLY B 208 -0.04 28.32 5.08
CA GLY B 208 -0.12 28.71 3.69
C GLY B 208 -1.27 27.97 3.05
N CYS B 209 -1.10 27.59 1.19
CA CYS B 209 -1.80 26.44 0.66
C CYS B 209 -0.89 25.80 -0.34
N ALA B 210 -0.78 24.49 -0.25
CA ALA B 210 0.11 23.68 -1.08
C ALA B 210 1.58 24.10 -0.96
N ARG B 211 1.95 24.67 0.20
CA ARG B 211 3.34 25.04 0.47
CA ARG B 211 3.34 25.04 0.47
C ARG B 211 4.24 23.81 0.40
N LYS B 212 5.47 24.02 -0.07
CA LYS B 212 6.45 22.96 -0.12
C LYS B 212 6.85 22.64 1.31
N GLY B 213 6.90 21.36 1.65
CA GLY B 213 7.23 20.91 3.01
C GLY B 213 6.11 20.95 4.05
N LYS B 214 4.92 21.36 3.62
CA LYS B 214 3.75 21.50 4.50
C LYS B 214 2.59 20.65 4.02
N TYR B 215 1.72 20.26 4.95
CA TYR B 215 0.56 19.45 4.61
C TYR B 215 -0.72 20.16 5.07
N GLY B 216 -1.87 19.61 4.70
CA GLY B 216 -3.13 20.09 5.25
C GLY B 216 -3.40 19.39 6.56
N ILE B 217 -3.91 20.13 7.54
CA ILE B 217 -4.23 19.56 8.85
C ILE B 217 -5.74 19.41 8.98
N TYR B 218 -6.14 18.22 9.38
CA TYR B 218 -7.54 17.83 9.46
C TYR B 218 -7.87 17.42 10.87
N THR B 219 -9.08 17.77 11.31
CA THR B 219 -9.60 17.22 12.55
C THR B 219 -9.81 15.72 12.35
N LYS B 220 -9.27 14.94 13.27
CA LYS B 220 -9.40 13.48 13.18
C LYS B 220 -10.76 13.04 13.69
N VAL B 221 -11.64 12.69 12.76
CA VAL B 221 -13.04 12.37 13.08
C VAL B 221 -13.22 11.13 13.94
N THR B 222 -12.34 10.12 13.77
CA THR B 222 -12.40 8.92 14.64
C THR B 222 -12.33 9.21 16.15
N ALA B 223 -11.57 10.22 16.55
CA ALA B 223 -11.51 10.64 17.96
C ALA B 223 -12.86 11.14 18.45
N PHE B 224 -13.72 11.53 17.50
CA PHE B 224 -14.95 12.27 17.82
C PHE B 224 -16.25 11.60 17.43
N LEU B 225 -16.17 10.37 16.95
CA LEU B 225 -17.37 9.62 16.59
C LEU B 225 -18.36 9.46 17.75
N LYS B 226 -17.83 9.18 18.95
CA LYS B 226 -18.66 8.99 20.14
C LYS B 226 -19.33 10.29 20.51
N TRP B 227 -18.58 11.39 20.42
CA TRP B 227 -19.11 12.73 20.69
C TRP B 227 -20.16 13.16 19.63
N ILE B 228 -19.92 12.82 18.37
CA ILE B 228 -20.88 13.11 17.29
C ILE B 228 -22.19 12.35 17.51
N ASP B 229 -22.10 11.06 17.83
CA ASP B 229 -23.28 10.24 18.14
C ASP B 229 -24.12 10.84 19.25
N ARG B 230 -23.46 11.23 20.35
CA ARG B 230 -24.11 11.90 21.48
C ARG B 230 -24.80 13.20 21.10
N SER B 231 -24.15 14.01 20.27
CA SER B 231 -24.71 15.29 19.83
C SER B 231 -25.94 15.06 18.95
N MET B 232 -25.91 13.97 18.18
CA MET B 232 -26.96 13.65 17.22
C MET B 232 -28.10 12.88 17.89
N LYS B 233 -27.84 12.33 19.07
CA LYS B 233 -28.84 11.59 19.82
C LYS B 233 -29.90 12.54 20.35
N THR B 234 -29.44 13.73 20.78
CA THR B 234 -30.33 14.79 21.28
C THR B 234 -31.61 14.87 20.49
N ARG B 235 -31.48 14.81 19.16
CA ARG B 235 -32.58 15.02 18.21
C ARG B 235 -33.21 16.39 18.43
N GLY B 236 -34.47 16.54 18.05
CA GLY B 236 -35.17 17.81 18.15
C GLY B 236 -35.44 18.29 19.57
N LEU B 237 -35.99 19.50 19.66
CA LEU B 237 -36.35 20.13 20.92
C LEU B 237 -37.42 19.32 21.66
N PRO B 238 -37.29 19.22 23.01
CA PRO B 238 -38.30 18.57 23.85
C PRO B 238 -39.61 19.35 23.91
CA GLN C 5 59.80 2.29 -31.26
C GLN C 5 58.33 1.98 -31.52
N CYS C 6 57.58 2.99 -31.97
CA CYS C 6 56.16 2.82 -32.31
C CYS C 6 55.64 3.83 -33.34
N GLU C 7 55.18 3.31 -34.47
N SER C 9 52.32 4.67 -36.04
CA SER C 9 51.62 5.07 -34.83
C SER C 9 50.46 4.10 -34.52
N PRO C 10 50.73 3.10 -33.65
CA PRO C 10 49.82 1.99 -33.36
C PRO C 10 48.68 2.32 -32.39
N CYS C 11 48.59 3.58 -31.95
CA CYS C 11 47.51 4.01 -31.07
C CYS C 11 46.35 4.55 -31.89
N GLN C 12 45.22 3.83 -31.83
CA GLN C 12 43.99 4.25 -32.51
C GLN C 12 43.40 5.47 -31.79
N ASN C 13 42.52 6.18 -32.47
CA ASN C 13 41.81 7.34 -31.91
C ASN C 13 42.71 8.43 -31.29
N GLN C 14 43.77 8.79 -32.03
CA GLN C 14 44.65 9.93 -31.71
C GLN C 14 45.42 9.87 -30.38
N GLY C 15 45.63 8.67 -29.86
CA GLY C 15 46.33 8.47 -28.59
C GLY C 15 47.84 8.65 -28.69
N LYS C 16 48.44 9.10 -27.58
CA LYS C 16 49.86 9.44 -27.54
C LYS C 16 50.77 8.24 -27.29
N CYS C 17 51.68 7.98 -28.24
CA CYS C 17 52.60 6.85 -28.17
C CYS C 17 53.91 7.18 -27.45
N LYS C 18 54.14 6.49 -26.33
CA LYS C 18 55.40 6.59 -25.59
C LYS C 18 56.42 5.58 -26.12
N ASP C 19 57.59 6.08 -26.51
CA ASP C 19 58.58 5.31 -27.26
C ASP C 19 59.10 4.04 -26.54
N GLY C 20 59.14 4.07 -25.21
CA GLY C 20 59.57 2.93 -24.42
C GLY C 20 61.06 2.65 -24.52
N GLU C 23 59.00 -2.45 -27.07
CA GLU C 23 57.79 -2.17 -26.31
C GLU C 23 57.36 -0.70 -26.45
N TYR C 24 56.05 -0.47 -26.47
CA TYR C 24 55.48 0.88 -26.55
C TYR C 24 54.25 1.02 -25.65
N THR C 25 53.77 2.26 -25.51
CA THR C 25 52.65 2.59 -24.62
C THR C 25 51.72 3.60 -25.31
N CYS C 26 50.41 3.45 -25.10
CA CYS C 26 49.44 4.46 -25.53
C CYS C 26 48.78 5.11 -24.32
N THR C 27 48.67 6.43 -24.35
CA THR C 27 47.78 7.13 -23.42
C THR C 27 46.61 7.65 -24.24
N CYS C 28 45.40 7.29 -23.82
CA CYS C 28 44.21 7.49 -24.64
C CYS C 28 43.50 8.79 -24.35
N LEU C 29 42.71 9.25 -25.32
CA LEU C 29 41.78 10.35 -25.11
C LEU C 29 40.65 9.94 -24.17
N GLU C 30 39.92 10.94 -23.69
CA GLU C 30 38.71 10.71 -22.92
C GLU C 30 37.67 10.11 -23.86
N GLY C 31 37.17 8.93 -23.49
CA GLY C 31 36.21 8.19 -24.31
C GLY C 31 36.73 6.88 -24.87
N PHE C 32 38.02 6.61 -24.66
CA PHE C 32 38.68 5.44 -25.24
C PHE C 32 39.63 4.75 -24.27
N GLU C 33 39.77 3.42 -24.42
CA GLU C 33 40.65 2.62 -23.58
C GLU C 33 41.15 1.38 -24.31
N GLY C 34 41.89 0.55 -23.60
CA GLY C 34 42.56 -0.61 -24.19
C GLY C 34 43.98 -0.22 -24.52
N LYS C 35 44.85 -1.22 -24.69
CA LYS C 35 46.27 -0.99 -24.96
C LYS C 35 46.53 -0.04 -26.12
N ASN C 36 45.67 -0.10 -27.15
CA ASN C 36 45.79 0.75 -28.34
C ASN C 36 44.65 1.76 -28.49
N CYS C 37 43.91 2.02 -27.40
CA CYS C 37 42.77 2.96 -27.39
C CYS C 37 41.67 2.60 -28.39
N GLU C 38 41.55 1.30 -28.70
CA GLU C 38 40.63 0.79 -29.71
C GLU C 38 39.20 0.52 -29.20
N LEU C 39 39.02 0.68 -27.89
CA LEU C 39 37.74 0.38 -27.25
C LEU C 39 37.09 1.65 -26.67
N PHE C 40 35.80 1.83 -26.91
CA PHE C 40 35.05 2.95 -26.35
C PHE C 40 34.80 2.73 -24.86
N THR C 41 35.16 3.71 -24.03
CA THR C 41 34.76 3.69 -22.62
C THR C 41 33.28 4.05 -22.53
N ARG C 42 32.86 4.99 -23.36
CA ARG C 42 31.47 5.40 -23.41
C ARG C 42 30.67 4.21 -23.94
N LYS C 43 29.65 3.84 -23.19
CA LYS C 43 28.84 2.67 -23.52
C LYS C 43 27.41 2.90 -23.10
N LEU C 44 26.56 1.90 -23.35
CA LEU C 44 25.22 1.90 -22.83
C LEU C 44 25.06 0.76 -21.83
N CYS C 45 23.89 0.65 -21.21
CA CYS C 45 23.67 -0.32 -20.12
C CYS C 45 23.78 -1.78 -20.55
N SER C 46 23.69 -2.03 -21.86
CA SER C 46 23.76 -3.40 -22.40
C SER C 46 25.18 -3.98 -22.30
N LEU C 47 26.16 -3.13 -22.03
CA LEU C 47 27.55 -3.55 -21.92
C LEU C 47 28.14 -3.22 -20.56
N ASP C 48 28.56 -4.25 -19.82
CA ASP C 48 29.14 -4.10 -18.49
C ASP C 48 28.27 -3.25 -17.57
N ASN C 49 26.94 -3.34 -17.73
CA ASN C 49 25.98 -2.55 -16.95
C ASN C 49 26.27 -1.03 -16.98
N GLY C 50 26.89 -0.55 -18.07
CA GLY C 50 27.30 0.85 -18.19
C GLY C 50 28.32 1.27 -17.13
N ASP C 51 29.02 0.27 -16.57
CA ASP C 51 29.99 0.49 -15.50
C ASP C 51 29.32 0.90 -14.17
N CYS C 52 27.99 0.81 -14.10
CA CYS C 52 27.24 1.07 -12.86
C CYS C 52 27.35 -0.10 -11.88
N ASP C 53 27.51 0.22 -10.59
CA ASP C 53 27.47 -0.80 -9.53
C ASP C 53 26.12 -1.49 -9.46
N GLN C 54 25.06 -0.71 -9.58
CA GLN C 54 23.70 -1.24 -9.43
C GLN C 54 22.81 -0.90 -10.63
N PHE C 55 21.90 0.06 -10.48
CA PHE C 55 20.99 0.34 -11.59
C PHE C 55 21.67 1.17 -12.69
N CYS C 56 21.28 0.89 -13.93
CA CYS C 56 21.74 1.61 -15.12
C CYS C 56 20.51 1.89 -15.97
N HIS C 57 20.35 3.15 -16.37
CA HIS C 57 19.31 3.54 -17.33
C HIS C 57 19.85 4.62 -18.28
N GLU C 58 19.17 4.82 -19.40
CA GLU C 58 19.64 5.76 -20.42
C GLU C 58 18.87 7.07 -20.48
N GLU C 59 19.62 8.16 -20.55
CA GLU C 59 19.06 9.50 -20.62
C GLU C 59 19.78 10.28 -21.71
N GLN C 60 19.10 10.48 -22.84
CA GLN C 60 19.66 11.19 -24.01
C GLN C 60 20.95 10.52 -24.51
N ASN C 61 20.82 9.25 -24.93
CA ASN C 61 21.95 8.43 -25.39
C ASN C 61 23.14 8.36 -24.42
N SER C 62 22.86 8.58 -23.14
CA SER C 62 23.89 8.65 -22.10
C SER C 62 23.49 7.80 -20.89
N VAL C 63 24.47 7.14 -20.27
CA VAL C 63 24.24 6.32 -19.09
C VAL C 63 24.06 7.14 -17.82
N VAL C 64 23.00 6.87 -17.07
CA VAL C 64 22.83 7.37 -15.72
C VAL C 64 22.73 6.17 -14.76
N CYS C 65 23.65 6.12 -13.80
CA CYS C 65 23.66 5.10 -12.77
C CYS C 65 22.88 5.55 -11.54
N SER C 66 22.30 4.57 -10.84
CA SER C 66 21.65 4.79 -9.56
C SER C 66 21.75 3.56 -8.65
N CYS C 67 21.22 3.70 -7.44
CA CYS C 67 21.39 2.71 -6.41
C CYS C 67 20.09 2.45 -5.69
N ALA C 68 19.96 1.25 -5.12
CA ALA C 68 18.81 0.89 -4.32
C ALA C 68 18.75 1.74 -3.05
N ARG C 69 17.57 1.86 -2.46
CA ARG C 69 17.44 2.65 -1.24
C ARG C 69 18.38 2.12 -0.15
N GLY C 70 19.03 3.03 0.56
CA GLY C 70 20.02 2.64 1.57
C GLY C 70 21.43 2.64 1.04
N TYR C 71 21.58 3.12 -0.19
CA TYR C 71 22.86 3.38 -0.81
C TYR C 71 22.74 4.77 -1.39
N THR C 72 23.87 5.47 -1.42
CA THR C 72 23.96 6.73 -2.14
C THR C 72 24.96 6.54 -3.29
N LEU C 73 24.69 7.22 -4.40
CA LEU C 73 25.60 7.21 -5.55
C LEU C 73 26.88 7.97 -5.21
N ALA C 74 28.02 7.34 -5.43
CA ALA C 74 29.32 8.00 -5.24
C ALA C 74 29.45 9.27 -6.11
N ASP C 75 30.47 10.09 -5.84
CA ASP C 75 30.69 11.30 -6.63
C ASP C 75 31.07 10.93 -8.07
N ASN C 76 31.79 9.83 -8.22
CA ASN C 76 32.14 9.26 -9.52
C ASN C 76 30.95 8.83 -10.38
N GLY C 77 29.75 8.94 -9.82
CA GLY C 77 28.50 8.64 -10.54
C GLY C 77 28.29 7.20 -10.99
N LYS C 78 29.05 6.26 -10.41
CA LYS C 78 28.97 4.83 -10.77
C LYS C 78 28.76 3.91 -9.57
N ALA C 79 29.64 4.03 -8.57
CA ALA C 79 29.62 3.18 -7.39
C ALA C 79 28.47 3.51 -6.45
N CYS C 80 28.11 2.53 -5.63
CA CYS C 80 27.03 2.68 -4.66
C CYS C 80 27.56 2.52 -3.23
N ILE C 81 27.39 3.58 -2.43
CA ILE C 81 27.89 3.66 -1.07
C ILE C 81 26.80 3.34 -0.04
N PRO C 82 27.00 2.29 0.78
CA PRO C 82 26.04 1.97 1.85
C PRO C 82 25.89 3.12 2.86
N THR C 83 24.72 3.22 3.48
CA THR C 83 24.45 4.25 4.49
C THR C 83 24.55 3.66 5.89
N GLY C 84 24.88 2.38 5.97
CA GLY C 84 25.04 1.71 7.25
C GLY C 84 25.48 0.28 7.03
N PRO C 85 25.67 -0.49 8.13
CA PRO C 85 26.23 -1.85 8.06
C PRO C 85 25.29 -2.92 7.51
N TYR C 86 24.01 -2.58 7.32
CA TYR C 86 23.04 -3.53 6.79
C TYR C 86 22.33 -3.01 5.53
N PRO C 87 23.09 -2.73 4.46
CA PRO C 87 22.45 -2.20 3.27
C PRO C 87 21.70 -3.34 2.62
N CYS C 88 20.72 -3.05 1.78
CA CYS C 88 19.93 -4.12 1.20
C CYS C 88 20.79 -5.03 0.32
N GLY C 89 20.46 -6.31 0.34
CA GLY C 89 20.96 -7.26 -0.67
C GLY C 89 22.36 -7.75 -0.43
N LYS C 90 22.91 -7.46 0.74
CA LYS C 90 24.22 -8.01 1.10
C LYS C 90 24.04 -9.08 2.17
N GLN C 91 24.64 -10.22 1.93
CA GLN C 91 24.70 -11.26 2.94
C GLN C 91 25.43 -10.64 4.13
N THR C 92 24.96 -10.95 5.34
CA THR C 92 25.50 -10.33 6.56
C THR C 92 26.78 -11.04 7.03
N LEU C 93 27.83 -10.24 7.17
CA LEU C 93 29.15 -10.69 7.65
C LEU C 93 29.19 -10.79 9.17
N GLU C 94 28.41 -9.92 9.83
CA GLU C 94 28.41 -9.78 11.29
C GLU C 94 27.13 -9.13 11.76
N ILE D 1 11.87 -26.66 0.57
CA ILE D 1 12.88 -26.81 -0.53
C ILE D 1 13.30 -28.28 -0.68
N VAL D 2 13.04 -28.85 -1.86
CA VAL D 2 13.53 -30.17 -2.22
C VAL D 2 14.91 -29.99 -2.85
N GLY D 3 15.92 -30.67 -2.31
CA GLY D 3 17.30 -30.49 -2.76
C GLY D 3 17.92 -29.24 -2.16
N GLY D 4 18.83 -28.62 -2.91
CA GLY D 4 19.55 -27.44 -2.42
C GLY D 4 20.38 -27.72 -1.19
N GLN D 5 20.75 -26.66 -0.48
CA GLN D 5 21.54 -26.75 0.74
C GLN D 5 20.95 -25.83 1.80
N GLU D 6 21.31 -26.11 3.05
CA GLU D 6 21.00 -25.25 4.17
C GLU D 6 21.72 -23.92 3.99
N CYS D 7 21.03 -22.82 4.27
CA CYS D 7 21.67 -21.50 4.27
C CYS D 7 22.64 -21.43 5.43
N LYS D 8 23.87 -20.99 5.15
CA LYS D 8 24.87 -20.75 6.19
C LYS D 8 24.58 -19.43 6.90
N ASP D 9 25.24 -19.21 8.03
CA ASP D 9 25.12 -17.95 8.77
C ASP D 9 25.29 -16.73 7.86
N GLY D 10 24.30 -15.85 7.87
CA GLY D 10 24.35 -14.59 7.11
C GLY D 10 23.98 -14.70 5.64
N GLU D 11 23.78 -15.92 5.18
CA GLU D 11 23.56 -16.18 3.77
C GLU D 11 22.15 -15.93 3.25
N CYS D 12 21.13 -16.15 4.06
CA CYS D 12 19.75 -15.91 3.58
C CYS D 12 19.02 -14.94 4.52
N PRO D 13 19.56 -13.71 4.69
CA PRO D 13 19.12 -12.87 5.81
C PRO D 13 17.77 -12.19 5.61
N TRP D 14 17.29 -12.16 4.37
CA TRP D 14 15.98 -11.58 4.02
C TRP D 14 14.79 -12.53 4.20
N GLN D 15 15.06 -13.80 4.48
CA GLN D 15 14.00 -14.76 4.77
C GLN D 15 13.18 -14.32 5.98
N ALA D 16 11.86 -14.25 5.80
CA ALA D 16 10.94 -14.21 6.92
C ALA D 16 10.06 -15.46 6.89
N LEU D 17 9.44 -15.76 8.02
CA LEU D 17 8.55 -16.90 8.17
C LEU D 17 7.27 -16.39 8.79
N LEU D 18 6.14 -16.70 8.16
CA LEU D 18 4.84 -16.37 8.72
C LEU D 18 4.45 -17.52 9.64
N ILE D 19 4.14 -17.19 10.90
CA ILE D 19 3.77 -18.19 11.90
C ILE D 19 2.30 -18.04 12.32
N ASN D 20 1.60 -19.16 12.44
CA ASN D 20 0.18 -19.11 12.76
C ASN D 20 -0.06 -19.08 14.26
N GLU D 21 -1.33 -19.17 14.66
CA GLU D 21 -1.75 -19.07 16.06
C GLU D 21 -1.06 -20.11 16.94
N GLU D 22 -0.64 -21.22 16.34
CA GLU D 22 0.06 -22.29 17.06
C GLU D 22 1.59 -22.19 16.97
N ASN D 23 2.07 -20.98 16.64
CA ASN D 23 3.51 -20.72 16.43
C ASN D 23 4.17 -21.69 15.43
N GLU D 24 3.37 -22.08 14.44
CA GLU D 24 3.72 -23.02 13.39
C GLU D 24 3.94 -22.23 12.10
N GLY D 25 5.06 -22.48 11.42
CA GLY D 25 5.37 -21.77 10.15
C GLY D 25 4.53 -22.33 9.02
N PHE D 26 3.89 -21.47 8.24
CA PHE D 26 3.00 -21.94 7.17
C PHE D 26 3.29 -21.31 5.80
N CYS D 27 4.12 -20.28 5.77
CA CYS D 27 4.50 -19.61 4.53
C CYS D 27 5.78 -18.82 4.79
N GLY D 28 6.48 -18.48 3.73
CA GLY D 28 7.66 -17.62 3.84
C GLY D 28 7.33 -16.15 3.57
N GLY D 29 8.34 -15.31 3.65
CA GLY D 29 8.23 -13.87 3.31
C GLY D 29 9.62 -13.35 2.99
N THR D 30 9.70 -12.13 2.43
CA THR D 30 10.99 -11.46 2.19
C THR D 30 11.01 -10.12 2.93
N ILE D 31 12.08 -9.88 3.70
CA ILE D 31 12.25 -8.59 4.37
C ILE D 31 12.60 -7.55 3.31
N LEU D 32 11.80 -6.50 3.23
CA LEU D 32 12.05 -5.39 2.30
C LEU D 32 12.58 -4.16 3.01
N SER D 33 12.23 -4.03 4.28
CA SER D 33 12.80 -2.97 5.11
C SER D 33 12.44 -3.25 6.56
N GLU D 34 12.73 -2.29 7.43
CA GLU D 34 12.46 -2.42 8.86
C GLU D 34 10.99 -2.68 9.14
N PHE D 35 10.11 -2.15 8.30
CA PHE D 35 8.67 -2.26 8.54
C PHE D 35 7.91 -3.16 7.56
N TYR D 36 8.52 -3.51 6.42
CA TYR D 36 7.77 -4.20 5.37
C TYR D 36 8.24 -5.60 5.01
N ILE D 37 7.28 -6.51 4.92
CA ILE D 37 7.50 -7.89 4.48
C ILE D 37 6.72 -8.14 3.19
N LEU D 38 7.39 -8.76 2.21
CA LEU D 38 6.74 -9.22 1.00
C LEU D 38 6.36 -10.69 1.14
N THR D 39 5.13 -11.02 0.74
CA THR D 39 4.65 -12.40 0.77
C THR D 39 3.62 -12.65 -0.36
N ALA D 40 3.07 -13.86 -0.41
CA ALA D 40 2.04 -14.20 -1.39
C ALA D 40 0.68 -13.94 -0.80
N ALA D 41 -0.21 -13.34 -1.58
CA ALA D 41 -1.58 -13.10 -1.17
C ALA D 41 -2.29 -14.38 -0.73
N HIS D 42 -2.02 -15.49 -1.41
CA HIS D 42 -2.72 -16.73 -1.08
C HIS D 42 -2.43 -17.22 0.35
N CYS D 43 -1.25 -16.91 0.87
CA CYS D 43 -0.82 -17.30 2.22
C CYS D 43 -1.71 -16.69 3.30
N LEU D 44 -2.17 -15.47 3.06
CA LEU D 44 -3.04 -14.75 3.98
C LEU D 44 -4.31 -15.53 4.32
N TYR D 45 -4.75 -16.37 3.39
CA TYR D 45 -5.95 -17.18 3.56
C TYR D 45 -5.68 -18.52 4.25
N GLN D 46 -4.49 -18.70 4.81
CA GLN D 46 -4.12 -20.03 5.29
C GLN D 46 -3.80 -20.07 6.79
N ALA D 47 -4.15 -18.99 7.48
CA ALA D 47 -4.11 -18.93 8.92
C ALA D 47 -5.08 -17.83 9.35
N LYS D 48 -5.81 -18.05 10.44
CA LYS D 48 -6.75 -17.05 10.95
C LYS D 48 -6.01 -15.83 11.53
N ARG D 49 -4.97 -16.08 12.31
CA ARG D 49 -4.07 -15.04 12.80
C ARG D 49 -2.63 -15.44 12.50
N PHE D 50 -1.77 -14.46 12.26
CA PHE D 50 -0.37 -14.76 12.03
C PHE D 50 0.58 -13.64 12.44
N LYS D 51 1.83 -14.02 12.69
CA LYS D 51 2.90 -13.09 13.01
C LYS D 51 4.08 -13.40 12.09
N VAL D 52 5.11 -12.57 12.15
CA VAL D 52 6.26 -12.69 11.26
C VAL D 52 7.51 -12.96 12.09
N ARG D 53 8.17 -14.09 11.82
CA ARG D 53 9.45 -14.42 12.44
C ARG D 53 10.61 -14.09 11.50
N VAL D 54 11.59 -13.33 11.99
CA VAL D 54 12.81 -13.03 11.27
C VAL D 54 14.01 -13.61 12.00
N GLY D 55 15.06 -13.93 11.24
CA GLY D 55 16.29 -14.44 11.81
C GLY D 55 16.25 -15.90 12.24
N ASP D 56 15.19 -16.60 11.85
CA ASP D 56 15.06 -18.03 12.18
C ASP D 56 15.85 -18.88 11.18
N ARG D 57 16.58 -19.86 11.71
CA ARG D 57 17.35 -20.78 10.86
CA ARG D 57 17.36 -20.78 10.87
C ARG D 57 16.92 -22.22 11.11
N ASN D 58 16.46 -22.49 12.33
CA ASN D 58 16.00 -23.82 12.76
C ASN D 58 14.71 -23.68 13.58
N THR D 59 13.57 -24.00 12.98
CA THR D 59 12.27 -23.79 13.61
C THR D 59 12.00 -24.66 14.84
N GLU D 60 12.69 -25.79 14.94
CA GLU D 60 12.50 -26.69 16.07
C GLU D 60 13.20 -26.19 17.34
N GLN D 61 14.52 -26.01 17.26
CA GLN D 61 15.32 -25.49 18.38
C GLN D 61 15.31 -23.96 18.37
N GLU D 62 14.93 -23.36 19.50
CA GLU D 62 14.84 -21.91 19.63
C GLU D 62 16.25 -21.33 19.86
N GLU D 63 16.98 -21.15 18.75
CA GLU D 63 18.40 -20.81 18.76
C GLU D 63 18.78 -19.52 19.50
N GLY D 64 17.94 -18.48 19.38
CA GLY D 64 18.16 -17.24 20.15
C GLY D 64 18.24 -15.95 19.36
N GLY D 65 18.54 -16.05 18.06
CA GLY D 65 18.67 -14.85 17.21
C GLY D 65 17.38 -14.41 16.52
N GLU D 66 16.26 -15.07 16.86
CA GLU D 66 14.98 -14.82 16.23
C GLU D 66 14.23 -13.67 16.90
N ALA D 67 13.38 -12.99 16.13
CA ALA D 67 12.45 -12.02 16.68
C ALA D 67 11.13 -12.21 15.99
N VAL D 68 10.04 -12.07 16.74
CA VAL D 68 8.70 -12.21 16.20
C VAL D 68 8.08 -10.81 16.14
N HIS D 69 7.38 -10.52 15.06
CA HIS D 69 6.80 -9.20 14.84
C HIS D 69 5.34 -9.36 14.48
N GLU D 70 4.50 -8.58 15.15
CA GLU D 70 3.08 -8.52 14.84
C GLU D 70 2.84 -7.67 13.61
N VAL D 71 1.78 -7.98 12.87
CA VAL D 71 1.44 -7.25 11.65
C VAL D 71 0.50 -6.11 12.00
N GLU D 72 0.82 -4.91 11.56
CA GLU D 72 -0.03 -3.74 11.74
CA GLU D 72 -0.03 -3.74 11.74
C GLU D 72 -1.06 -3.68 10.61
N VAL D 73 -0.56 -3.71 9.36
CA VAL D 73 -1.41 -3.63 8.17
C VAL D 73 -1.13 -4.77 7.18
N VAL D 74 -2.21 -5.43 6.75
CA VAL D 74 -2.18 -6.38 5.65
C VAL D 74 -2.56 -5.63 4.38
N ILE D 75 -1.62 -5.60 3.43
CA ILE D 75 -1.82 -4.92 2.14
C ILE D 75 -1.84 -6.00 1.04
N LYS D 76 -3.01 -6.62 0.85
CA LYS D 76 -3.18 -7.63 -0.19
C LYS D 76 -3.41 -6.93 -1.53
N HIS D 77 -2.86 -7.50 -2.61
CA HIS D 77 -3.17 -6.97 -3.93
C HIS D 77 -4.65 -7.24 -4.21
N ASN D 78 -5.42 -6.17 -4.41
CA ASN D 78 -6.86 -6.31 -4.63
CA ASN D 78 -6.86 -6.34 -4.61
C ASN D 78 -7.23 -7.09 -5.89
N ARG D 79 -6.26 -7.28 -6.78
CA ARG D 79 -6.54 -8.04 -8.00
C ARG D 79 -6.20 -9.51 -7.83
N PHE D 80 -5.81 -9.90 -6.61
CA PHE D 80 -5.48 -11.31 -6.38
C PHE D 80 -6.68 -12.18 -6.73
N THR D 81 -6.43 -13.15 -7.61
CA THR D 81 -7.47 -14.02 -8.14
C THR D 81 -7.23 -15.46 -7.70
N LYS D 82 -8.15 -15.98 -6.90
CA LYS D 82 -8.01 -17.27 -6.23
C LYS D 82 -7.92 -18.43 -7.21
N GLU D 83 -8.72 -18.36 -8.28
CA GLU D 83 -8.81 -19.44 -9.26
C GLU D 83 -7.51 -19.65 -10.06
N THR D 84 -6.78 -18.57 -10.31
CA THR D 84 -5.60 -18.60 -11.20
C THR D 84 -4.29 -18.28 -10.46
N TYR D 85 -4.41 -17.63 -9.30
CA TYR D 85 -3.28 -17.09 -8.52
C TYR D 85 -2.59 -15.92 -9.19
N ASP D 86 -3.28 -15.28 -10.13
CA ASP D 86 -2.78 -14.05 -10.72
C ASP D 86 -2.76 -12.98 -9.62
N PHE D 87 -1.75 -12.11 -9.67
CA PHE D 87 -1.55 -11.07 -8.66
C PHE D 87 -1.31 -11.65 -7.26
N ASP D 88 -0.51 -12.72 -7.19
CA ASP D 88 -0.27 -13.42 -5.91
C ASP D 88 0.82 -12.70 -5.15
N ILE D 89 0.42 -11.60 -4.54
CA ILE D 89 1.36 -10.70 -3.89
C ILE D 89 0.67 -9.91 -2.76
N ALA D 90 1.38 -9.77 -1.65
CA ALA D 90 0.92 -8.96 -0.52
C ALA D 90 2.14 -8.32 0.14
N VAL D 91 1.91 -7.18 0.78
CA VAL D 91 2.90 -6.55 1.62
C VAL D 91 2.31 -6.46 3.02
N LEU D 92 3.15 -6.63 4.03
CA LEU D 92 2.73 -6.53 5.42
C LEU D 92 3.54 -5.43 6.08
N ARG D 93 2.85 -4.46 6.69
CA ARG D 93 3.51 -3.49 7.56
C ARG D 93 3.50 -4.00 8.99
N LEU D 94 4.68 -4.03 9.61
CA LEU D 94 4.79 -4.55 10.98
C LEU D 94 4.55 -3.44 12.00
N LYS D 95 4.04 -3.83 13.17
CA LYS D 95 3.81 -2.89 14.28
C LYS D 95 5.11 -2.32 14.81
N THR D 96 6.13 -3.18 14.93
CA THR D 96 7.44 -2.75 15.43
C THR D 96 8.53 -3.01 14.38
N PRO D 97 9.52 -2.10 14.28
CA PRO D 97 10.59 -2.24 13.29
C PRO D 97 11.48 -3.45 13.54
N ILE D 98 11.86 -4.12 12.45
CA ILE D 98 12.90 -5.11 12.50
C ILE D 98 14.24 -4.47 12.88
N THR D 99 15.00 -5.14 13.73
CA THR D 99 16.38 -4.77 14.02
C THR D 99 17.28 -5.60 13.09
N PHE D 100 17.91 -4.95 12.13
CA PHE D 100 18.82 -5.67 11.26
C PHE D 100 20.04 -6.13 12.09
N ARG D 101 20.53 -7.33 11.79
CA ARG D 101 21.62 -7.96 12.53
C ARG D 101 22.10 -9.11 11.68
N MET D 102 23.08 -9.87 12.19
CA MET D 102 23.44 -11.15 11.56
C MET D 102 22.18 -11.91 11.25
N ASN D 103 22.04 -12.36 9.99
CA ASN D 103 20.86 -13.14 9.54
C ASN D 103 19.53 -12.39 9.42
N VAL D 104 19.57 -11.07 9.48
CA VAL D 104 18.37 -10.23 9.37
C VAL D 104 18.75 -8.98 8.61
N ALA D 105 18.37 -8.94 7.33
CA ALA D 105 18.70 -7.83 6.46
C ALA D 105 17.76 -7.83 5.27
N PRO D 106 17.46 -6.65 4.71
CA PRO D 106 16.50 -6.60 3.64
C PRO D 106 17.12 -6.96 2.29
N ALA D 107 16.32 -7.56 1.41
CA ALA D 107 16.74 -7.77 0.02
C ALA D 107 16.40 -6.47 -0.73
N CYS D 108 17.09 -6.20 -1.84
CA CYS D 108 16.89 -4.94 -2.58
C CYS D 108 15.73 -5.07 -3.57
N LEU D 109 14.95 -4.00 -3.67
CA LEU D 109 13.98 -3.88 -4.75
C LEU D 109 14.70 -3.24 -5.93
N PRO D 110 14.72 -3.95 -7.08
CA PRO D 110 15.35 -3.41 -8.27
C PRO D 110 14.46 -2.38 -8.97
N GLU D 111 15.06 -1.57 -9.85
CA GLU D 111 14.31 -0.72 -10.77
C GLU D 111 13.72 -1.61 -11.86
N ARG D 112 12.48 -1.35 -12.28
CA ARG D 112 11.75 -2.28 -13.15
C ARG D 112 12.46 -2.60 -14.46
N ASP D 113 12.77 -1.55 -15.23
CA ASP D 113 13.34 -1.68 -16.57
C ASP D 113 14.68 -2.36 -16.52
N TRP D 114 15.53 -1.93 -15.58
CA TRP D 114 16.84 -2.52 -15.34
C TRP D 114 16.75 -3.98 -14.92
N ALA D 115 15.79 -4.32 -14.04
CA ALA D 115 15.60 -5.72 -13.63
C ALA D 115 15.25 -6.65 -14.81
N GLU D 116 14.36 -6.19 -15.69
CA GLU D 116 13.94 -6.94 -16.87
C GLU D 116 15.10 -7.25 -17.81
N SER D 117 15.92 -6.24 -18.09
CA SER D 117 17.08 -6.42 -18.96
C SER D 117 18.27 -7.13 -18.28
N THR D 118 18.43 -6.90 -16.97
CA THR D 118 19.70 -7.29 -16.29
C THR D 118 19.59 -8.47 -15.30
N LEU D 119 18.42 -8.66 -14.69
CA LEU D 119 18.24 -9.76 -13.74
C LEU D 119 17.52 -10.96 -14.34
N MET D 120 16.42 -10.69 -15.05
CA MET D 120 15.58 -11.74 -15.63
C MET D 120 16.26 -12.44 -16.82
N THR D 121 17.34 -11.86 -17.33
CA THR D 121 18.09 -12.41 -18.47
C THR D 121 19.26 -13.26 -17.98
N GLN D 122 19.47 -13.32 -16.66
CA GLN D 122 20.50 -14.19 -16.11
C GLN D 122 20.06 -15.66 -16.19
N LYS D 123 21.00 -16.57 -15.92
CA LYS D 123 20.74 -18.00 -16.06
C LYS D 123 19.91 -18.51 -14.87
N THR D 124 20.24 -18.04 -13.66
CA THR D 124 19.59 -18.55 -12.47
C THR D 124 19.23 -17.48 -11.43
N GLY D 125 18.34 -17.87 -10.52
CA GLY D 125 18.04 -17.10 -9.32
C GLY D 125 18.12 -18.05 -8.15
N ILE D 126 17.89 -17.54 -6.95
CA ILE D 126 17.93 -18.35 -5.73
C ILE D 126 16.59 -18.27 -5.01
N VAL D 127 16.04 -19.43 -4.65
CA VAL D 127 14.84 -19.54 -3.85
C VAL D 127 15.21 -20.12 -2.49
N SER D 128 14.53 -19.65 -1.44
CA SER D 128 14.80 -20.16 -0.11
C SER D 128 13.52 -20.36 0.69
N GLY D 129 13.61 -21.14 1.77
CA GLY D 129 12.49 -21.36 2.66
C GLY D 129 12.63 -22.55 3.59
N PHE D 130 11.61 -22.76 4.41
CA PHE D 130 11.61 -23.83 5.42
C PHE D 130 10.66 -24.94 5.03
N GLY D 131 10.13 -24.91 3.81
CA GLY D 131 9.05 -25.79 3.45
C GLY D 131 9.48 -27.23 3.34
N ARG D 132 8.52 -28.08 2.94
CA ARG D 132 8.77 -29.52 2.79
C ARG D 132 10.02 -29.81 1.95
N THR D 133 10.80 -30.80 2.39
CA THR D 133 12.08 -31.16 1.76
C THR D 133 11.90 -32.27 0.73
N HIS D 134 10.65 -32.74 0.63
CA HIS D 134 10.24 -33.69 -0.39
CA HIS D 134 10.25 -33.65 -0.43
C HIS D 134 8.78 -33.43 -0.73
N GLU D 135 7.78 -34.46 -2.68
CA GLU D 135 6.35 -34.37 -2.44
C GLU D 135 5.94 -35.11 -1.17
N GLY D 137 7.08 -35.40 2.25
CA GLY D 137 8.17 -34.90 3.09
C GLY D 137 7.69 -34.00 4.21
N ARG D 138 8.46 -33.97 5.30
CA ARG D 138 8.15 -33.15 6.47
C ARG D 138 8.79 -31.76 6.30
N GLN D 139 8.05 -30.72 6.70
CA GLN D 139 8.51 -29.33 6.58
C GLN D 139 9.87 -29.12 7.26
N SER D 140 10.89 -28.84 6.44
CA SER D 140 12.26 -28.62 6.92
C SER D 140 12.28 -27.79 8.19
N THR D 141 13.02 -28.24 9.19
CA THR D 141 13.23 -27.40 10.36
C THR D 141 14.32 -26.36 10.05
N ARG D 142 15.17 -26.65 9.07
CA ARG D 142 16.26 -25.75 8.73
C ARG D 142 16.05 -24.95 7.45
N LEU D 143 16.40 -23.67 7.50
CA LEU D 143 16.27 -22.79 6.34
C LEU D 143 17.20 -23.25 5.23
N LYS D 144 16.63 -23.47 4.04
CA LYS D 144 17.39 -23.91 2.89
C LYS D 144 17.29 -22.93 1.73
N MET D 145 18.17 -23.10 0.77
CA MET D 145 18.23 -22.30 -0.45
C MET D 145 18.55 -23.21 -1.62
N LEU D 146 18.18 -22.77 -2.81
CA LEU D 146 18.31 -23.56 -4.01
C LEU D 146 18.50 -22.62 -5.20
N GLU D 147 19.54 -22.85 -6.00
CA GLU D 147 19.73 -22.15 -7.27
C GLU D 147 18.79 -22.77 -8.30
N VAL D 148 17.96 -21.94 -8.94
CA VAL D 148 16.97 -22.42 -9.90
C VAL D 148 17.14 -21.68 -11.22
N PRO D 149 17.34 -22.43 -12.33
CA PRO D 149 17.44 -21.79 -13.63
C PRO D 149 16.15 -21.08 -13.97
N TYR D 150 16.27 -19.92 -14.61
CA TYR D 150 15.11 -19.26 -15.21
C TYR D 150 14.67 -20.08 -16.41
N VAL D 151 13.36 -20.19 -16.59
CA VAL D 151 12.78 -20.97 -17.68
C VAL D 151 12.03 -20.01 -18.59
N ASP D 152 12.30 -20.12 -19.89
CA ASP D 152 11.69 -19.19 -20.85
C ASP D 152 10.17 -19.35 -20.85
N ARG D 153 9.48 -18.26 -21.13
CA ARG D 153 8.04 -18.21 -20.96
C ARG D 153 7.29 -19.25 -21.81
N ASN D 154 7.75 -19.47 -23.04
CA ASN D 154 7.11 -20.46 -23.92
CA ASN D 154 7.11 -20.46 -23.94
C ASN D 154 7.13 -21.85 -23.34
N SER D 155 8.32 -22.28 -22.88
CA SER D 155 8.51 -23.59 -22.24
C SER D 155 7.69 -23.70 -20.96
N CYS D 156 7.62 -22.59 -20.22
CA CYS D 156 6.83 -22.49 -18.99
C CYS D 156 5.37 -22.86 -19.25
N LYS D 157 4.79 -22.23 -20.27
CA LYS D 157 3.36 -22.40 -20.59
C LYS D 157 3.03 -23.81 -21.07
N LEU D 158 3.88 -24.36 -21.94
CA LEU D 158 3.69 -25.72 -22.46
C LEU D 158 3.78 -26.78 -21.37
N SER D 159 4.67 -26.58 -20.40
CA SER D 159 4.82 -27.46 -19.25
C SER D 159 3.60 -27.49 -18.32
N SER D 160 2.84 -26.40 -18.27
CA SER D 160 1.83 -26.18 -17.23
C SER D 160 0.43 -26.63 -17.60
N SER D 161 -0.27 -27.22 -16.63
CA SER D 161 -1.66 -27.59 -16.82
C SER D 161 -2.59 -26.40 -16.57
N PHE D 162 -2.05 -25.34 -15.99
CA PHE D 162 -2.85 -24.17 -15.65
C PHE D 162 -2.25 -22.92 -16.29
N ILE D 163 -3.07 -21.89 -16.44
CA ILE D 163 -2.65 -20.64 -17.07
C ILE D 163 -1.42 -20.03 -16.37
N ILE D 164 -0.39 -19.73 -17.15
CA ILE D 164 0.73 -18.92 -16.70
C ILE D 164 0.49 -17.50 -17.23
N THR D 165 0.08 -16.58 -16.35
CA THR D 165 -0.14 -15.17 -16.74
C THR D 165 1.18 -14.42 -16.91
N GLN D 166 1.12 -13.21 -17.48
CA GLN D 166 2.30 -12.35 -17.59
C GLN D 166 2.88 -11.89 -16.22
N ASN D 167 2.15 -12.14 -15.14
CA ASN D 167 2.58 -11.76 -13.79
C ASN D 167 3.17 -12.95 -13.05
N MET D 168 3.53 -14.00 -13.79
CA MET D 168 4.20 -15.17 -13.23
C MET D 168 5.39 -15.52 -14.12
N PHE D 169 6.37 -16.23 -13.57
CA PHE D 169 7.40 -16.86 -14.40
C PHE D 169 7.78 -18.24 -13.84
N CYS D 170 8.40 -19.08 -14.67
CA CYS D 170 8.87 -20.41 -14.26
C CYS D 170 10.35 -20.37 -13.91
N ALA D 171 10.73 -21.18 -12.93
CA ALA D 171 12.13 -21.38 -12.60
C ALA D 171 12.28 -22.76 -11.99
N GLY D 172 13.38 -23.42 -12.33
CA GLY D 172 13.68 -24.73 -11.78
C GLY D 172 14.14 -25.70 -12.85
N TYR D 173 13.90 -26.98 -12.62
CA TYR D 173 14.43 -28.03 -13.46
C TYR D 173 13.33 -28.87 -14.07
N ASP D 174 13.57 -29.32 -15.30
CA ASP D 174 12.70 -30.26 -15.98
C ASP D 174 12.58 -31.56 -15.17
N THR D 175 13.68 -32.27 -15.00
CA THR D 175 13.66 -33.59 -14.37
C THR D 175 14.48 -33.68 -13.08
N LYS D 176 15.54 -32.87 -12.94
CA LYS D 176 16.31 -32.85 -11.70
C LYS D 176 15.39 -32.67 -10.49
N GLN D 177 15.62 -33.47 -9.45
CA GLN D 177 14.71 -33.49 -8.30
C GLN D 177 15.04 -32.41 -7.29
N GLU D 178 14.95 -31.16 -7.74
CA GLU D 178 15.19 -29.98 -6.90
C GLU D 178 14.12 -28.94 -7.24
N ASP D 179 13.51 -28.36 -6.21
CA ASP D 179 12.43 -27.38 -6.38
C ASP D 179 12.13 -26.74 -5.03
N ALA D 180 11.40 -25.63 -5.06
CA ALA D 180 10.66 -25.15 -3.90
C ALA D 180 9.47 -26.08 -3.70
N CYS D 181 8.81 -25.97 -2.55
CA CYS D 181 7.70 -26.86 -2.24
C CYS D 181 6.69 -26.15 -1.31
N GLN D 182 5.67 -26.87 -0.88
CA GLN D 182 4.68 -26.37 0.10
C GLN D 182 5.42 -25.95 1.36
N GLY D 183 5.04 -24.80 1.89
CA GLY D 183 5.70 -24.26 3.06
C GLY D 183 6.66 -23.18 2.64
N ASP D 184 7.17 -23.24 1.40
CA ASP D 184 8.06 -22.19 0.86
C ASP D 184 7.29 -20.99 0.30
N SER D 185 6.01 -21.20 -0.02
CA SER D 185 5.14 -20.17 -0.58
C SER D 185 5.26 -18.85 0.16
N GLY D 186 5.28 -17.75 -0.60
CA GLY D 186 5.43 -16.41 -0.04
C GLY D 186 6.89 -15.98 0.02
N GLY D 187 7.78 -16.96 0.02
CA GLY D 187 9.20 -16.72 0.25
C GLY D 187 9.92 -16.02 -0.88
N PRO D 188 11.22 -15.75 -0.69
CA PRO D 188 12.08 -15.02 -1.60
C PRO D 188 12.47 -15.82 -2.84
N HIS D 189 12.51 -15.14 -3.98
CA HIS D 189 13.33 -15.55 -5.10
C HIS D 189 14.15 -14.32 -5.41
N VAL D 190 15.47 -14.46 -5.28
CA VAL D 190 16.39 -13.35 -5.48
C VAL D 190 17.37 -13.63 -6.60
N THR D 191 17.89 -12.56 -7.19
CA THR D 191 18.86 -12.65 -8.27
C THR D 191 20.03 -11.75 -7.97
N ARG D 192 21.21 -12.35 -8.07
CA ARG D 192 22.46 -11.69 -7.74
C ARG D 192 22.94 -10.85 -8.91
N PHE D 193 23.35 -9.62 -8.62
CA PHE D 193 24.11 -8.86 -9.57
C PHE D 193 25.22 -8.12 -8.83
N LYS D 194 26.47 -8.44 -9.17
CA LYS D 194 27.66 -7.88 -8.52
C LYS D 194 27.58 -7.94 -7.00
N ASP D 195 27.44 -9.15 -6.47
CA ASP D 195 27.45 -9.34 -5.02
C ASP D 195 26.28 -8.69 -4.26
N THR D 196 25.29 -8.19 -4.99
CA THR D 196 24.05 -7.64 -4.41
C THR D 196 22.83 -8.45 -4.87
N TYR D 197 21.98 -8.81 -3.91
CA TYR D 197 20.78 -9.61 -4.17
C TYR D 197 19.50 -8.77 -4.26
N PHE D 198 18.78 -8.98 -5.35
CA PHE D 198 17.58 -8.22 -5.66
C PHE D 198 16.39 -9.16 -5.71
N VAL D 199 15.26 -8.73 -5.14
CA VAL D 199 14.00 -9.52 -5.17
C VAL D 199 13.46 -9.58 -6.61
N THR D 200 13.27 -10.80 -7.11
CA THR D 200 12.82 -11.02 -8.50
C THR D 200 11.52 -11.83 -8.57
N GLY D 201 11.23 -12.59 -7.52
CA GLY D 201 9.99 -13.37 -7.44
C GLY D 201 9.49 -13.70 -6.04
N ILE D 202 8.27 -14.21 -5.98
CA ILE D 202 7.66 -14.70 -4.75
C ILE D 202 7.24 -16.14 -5.00
N VAL D 203 7.61 -17.06 -4.12
CA VAL D 203 7.15 -18.45 -4.27
C VAL D 203 5.60 -18.47 -4.26
N SER D 204 5.02 -18.98 -5.35
CA SER D 204 3.57 -18.89 -5.52
C SER D 204 2.87 -20.24 -5.56
N TRP D 205 3.17 -21.04 -6.60
CA TRP D 205 2.55 -22.34 -6.78
C TRP D 205 3.35 -23.27 -7.69
N GLY D 206 2.92 -24.53 -7.74
CA GLY D 206 3.58 -25.56 -8.50
C GLY D 206 2.72 -26.81 -8.51
N GLU D 207 2.79 -27.57 -9.60
CA GLU D 207 2.05 -28.82 -9.71
C GLU D 207 2.85 -29.92 -9.06
N GLY D 208 2.51 -30.20 -7.80
CA GLY D 208 3.26 -31.14 -7.01
C GLY D 208 4.62 -30.55 -6.72
N CYS D 209 6.05 -31.53 -5.79
CA CYS D 209 7.27 -30.75 -5.76
C CYS D 209 8.34 -31.50 -6.52
N ALA D 210 9.09 -30.75 -7.33
CA ALA D 210 10.16 -31.30 -8.17
C ALA D 210 9.65 -32.38 -9.12
N ARG D 211 8.39 -32.22 -9.54
CA ARG D 211 7.74 -33.17 -10.45
C ARG D 211 8.34 -33.09 -11.84
N LYS D 212 8.48 -34.24 -12.51
CA LYS D 212 9.08 -34.31 -13.85
C LYS D 212 8.24 -33.56 -14.86
N GLY D 213 8.89 -32.74 -15.67
CA GLY D 213 8.18 -31.93 -16.66
C GLY D 213 7.40 -30.73 -16.11
N LYS D 214 7.51 -30.46 -14.81
CA LYS D 214 6.85 -29.29 -14.18
C LYS D 214 7.88 -28.34 -13.55
N TYR D 215 7.57 -27.04 -13.51
CA TYR D 215 8.49 -26.08 -12.88
C TYR D 215 7.89 -25.42 -11.65
N GLY D 216 8.72 -24.66 -10.94
CA GLY D 216 8.22 -23.83 -9.85
C GLY D 216 7.62 -22.55 -10.43
N ILE D 217 6.46 -22.15 -9.93
CA ILE D 217 5.85 -20.90 -10.43
C ILE D 217 6.00 -19.77 -9.43
N TYR D 218 6.48 -18.62 -9.92
CA TYR D 218 6.77 -17.47 -9.09
C TYR D 218 5.95 -16.25 -9.52
N THR D 219 5.55 -15.43 -8.56
CA THR D 219 4.98 -14.12 -8.89
C THR D 219 6.11 -13.29 -9.47
N LYS D 220 5.85 -12.66 -10.60
CA LYS D 220 6.90 -11.83 -11.24
C LYS D 220 6.91 -10.45 -10.62
N VAL D 221 7.93 -10.21 -9.79
CA VAL D 221 8.00 -9.01 -8.99
C VAL D 221 8.17 -7.74 -9.79
N THR D 222 8.84 -7.82 -10.96
CA THR D 222 8.98 -6.67 -11.85
C THR D 222 7.65 -6.06 -12.30
N ALA D 223 6.63 -6.89 -12.47
CA ALA D 223 5.26 -6.41 -12.75
C ALA D 223 4.68 -5.61 -11.56
N PHE D 224 5.28 -5.78 -10.37
CA PHE D 224 4.71 -5.26 -9.13
C PHE D 224 5.56 -4.29 -8.34
N LEU D 225 6.71 -3.89 -8.89
CA LEU D 225 7.56 -2.95 -8.21
C LEU D 225 6.86 -1.60 -7.93
N LYS D 226 6.06 -1.12 -8.89
CA LYS D 226 5.39 0.16 -8.72
C LYS D 226 4.32 0.03 -7.64
N TRP D 227 3.61 -1.09 -7.66
CA TRP D 227 2.60 -1.36 -6.63
C TRP D 227 3.23 -1.47 -5.24
N ILE D 228 4.38 -2.17 -5.15
CA ILE D 228 5.13 -2.30 -3.90
C ILE D 228 5.57 -0.93 -3.39
N ASP D 229 6.18 -0.13 -4.26
CA ASP D 229 6.62 1.21 -3.89
C ASP D 229 5.48 2.04 -3.31
N ARG D 230 4.32 2.02 -3.97
CA ARG D 230 3.10 2.69 -3.47
C ARG D 230 2.60 2.16 -2.13
N SER D 231 2.69 0.85 -1.92
CA SER D 231 2.27 0.21 -0.66
C SER D 231 3.19 0.62 0.48
N MET D 232 4.47 0.79 0.17
CA MET D 232 5.49 1.09 1.19
C MET D 232 5.64 2.56 1.52
N LYS D 233 5.14 3.44 0.66
CA LYS D 233 5.30 4.87 0.86
C LYS D 233 4.23 5.42 1.79
N THR D 234 3.15 4.66 1.95
CA THR D 234 2.10 4.96 2.91
C THR D 234 2.72 5.22 4.29
N ARG D 235 3.79 4.48 4.58
CA ARG D 235 4.47 4.47 5.87
C ARG D 235 3.47 4.17 6.99
N GLY D 236 3.71 4.74 8.17
CA GLY D 236 2.87 4.47 9.33
C GLY D 236 1.50 5.12 9.31
N LEU D 237 0.76 4.92 10.41
CA LEU D 237 -0.58 5.44 10.58
C LEU D 237 -0.57 6.99 10.70
N PRO D 238 -1.61 7.63 10.15
CA PRO D 238 -1.76 9.09 10.19
C PRO D 238 -2.01 9.62 11.61
C1 GOL E . -31.04 0.86 -4.54
O1 GOL E . -30.25 1.63 -5.42
C2 GOL E . -31.90 1.82 -3.70
O2 GOL E . -31.07 2.66 -2.91
C3 GOL E . -32.84 0.98 -2.85
O3 GOL E . -33.53 1.77 -1.93
C1 GOL F . -27.82 6.17 -4.39
O1 GOL F . -27.50 7.53 -4.27
C2 GOL F . -26.79 5.04 -4.49
O2 GOL F . -26.58 4.52 -5.75
C3 GOL F . -26.88 3.87 -3.51
O3 GOL F . -27.99 3.00 -3.46
O31 YET G . -2.20 28.57 11.44
C11 YET G . -3.19 28.29 12.08
N27 YET G . -3.14 27.56 13.19
C20 YET G . -4.33 27.23 13.98
C16 YET G . -3.81 26.38 15.13
C19 YET G . -1.90 27.02 13.73
C15 YET G . -2.35 26.08 14.84
C23 YET G . -4.55 28.79 11.63
N26 YET G . -4.46 29.54 10.38
C10 YET G . -4.73 28.92 9.22
O30 YET G . -5.05 27.74 9.17
C18 YET G . -4.05 30.94 10.53
C14 YET G . -5.24 31.82 10.13
C13 YET G . -5.25 32.03 8.62
C17 YET G . -5.69 30.77 7.86
C21 YET G . -4.62 29.68 7.94
N29 YET G . -4.79 28.76 6.82
C12 YET G . -4.32 28.95 5.57
N25 YET G . -3.66 30.08 5.29
C1 YET G . -3.21 30.35 4.19
N24 YET G . -2.83 30.60 3.13
N28 YET G . -4.52 28.00 4.63
C7 YET G . -5.21 26.80 4.91
C2 YET G . -6.40 26.84 5.63
C4 YET G . -4.69 25.58 4.48
C6 YET G . -5.38 24.41 4.78
C8 YET G . -6.56 24.49 5.49
C3 YET G . -7.10 25.67 5.93
O32 YET G . -7.09 23.21 5.68
C9 YET G . -6.19 22.37 5.06
C22 YET G . -6.41 20.89 5.04
C5 YET G . -5.09 23.01 4.47
CA CA H . -25.51 28.49 -6.91
NA NA I . 2.86 20.53 0.64
C1 GOL J . -20.61 4.90 14.80
O1 GOL J . -19.76 6.02 14.93
C2 GOL J . -21.64 5.19 13.71
O2 GOL J . -22.70 5.96 14.25
C3 GOL J . -22.20 3.91 13.10
O3 GOL J . -22.69 4.20 11.79
O1 MES K . -9.85 13.39 23.04
C2 MES K . -10.76 13.24 21.94
C3 MES K . -11.78 12.15 22.23
N4 MES K . -11.17 11.03 22.98
C5 MES K . -9.80 11.00 23.48
C6 MES K . -9.01 12.26 23.13
C7 MES K . -12.03 9.88 23.32
C8 MES K . -12.33 9.00 22.10
S MES K . -13.53 7.88 22.46
O1S MES K . -13.02 6.84 23.38
O2S MES K . -14.62 8.61 23.17
O3S MES K . -14.07 7.24 21.24
C ACT L . 4.83 14.93 -3.76
O ACT L . 4.79 16.14 -3.44
OXT ACT L . 5.13 14.12 -2.85
CH3 ACT L . 4.55 14.46 -5.15
C ACT M . -11.82 0.02 -1.55
O ACT M . -12.23 0.95 -2.26
OXT ACT M . -12.51 -0.96 -1.18
CH3 ACT M . -10.39 0.07 -1.10
C ACT N . -34.38 14.05 14.06
O ACT N . -33.16 14.27 14.28
OXT ACT N . -35.31 14.75 14.49
CH3 ACT N . -34.73 12.87 13.20
S DMS O . -8.16 14.03 -7.48
O DMS O . -7.88 12.64 -8.60
C1 DMS O . -6.71 15.07 -7.44
C2 DMS O . -9.29 15.24 -8.22
C ACT P . -26.62 31.27 14.22
O ACT P . -26.67 32.08 13.26
OXT ACT P . -27.62 30.85 14.85
CH3 ACT P . -25.28 30.76 14.64
O31 YET Q . -2.16 -25.67 -7.97
C11 YET Q . -2.36 -24.52 -7.61
N27 YET Q . -2.75 -23.55 -8.46
C20 YET Q . -3.01 -22.18 -8.03
C16 YET Q . -3.61 -21.51 -9.27
C19 YET Q . -2.95 -23.78 -9.89
C15 YET Q . -3.24 -22.39 -10.45
C23 YET Q . -2.18 -24.17 -6.14
N26 YET Q . -1.70 -25.33 -5.41
C10 YET Q . -0.40 -25.52 -5.21
O30 YET Q . 0.44 -24.73 -5.62
C18 YET Q . -2.78 -26.25 -4.96
C14 YET Q . -2.83 -26.21 -3.43
C13 YET Q . -1.79 -27.12 -2.80
C17 YET Q . -0.35 -26.62 -3.01
C21 YET Q . 0.09 -26.74 -4.46
N29 YET Q . 1.56 -26.76 -4.44
C12 YET Q . 2.36 -27.79 -4.20
N25 YET Q . 1.83 -28.99 -3.94
C1 YET Q . 2.49 -29.98 -3.70
N24 YET Q . 3.10 -30.91 -3.43
N28 YET Q . 3.70 -27.63 -4.20
C7 YET Q . 4.32 -26.39 -4.46
C2 YET Q . 3.86 -25.24 -3.81
C4 YET Q . 5.40 -26.29 -5.36
C6 YET Q . 5.99 -25.04 -5.58
C8 YET Q . 5.48 -23.94 -4.93
C3 YET Q . 4.42 -23.98 -4.04
O32 YET Q . 6.21 -22.79 -5.32
C9 YET Q . 7.13 -23.26 -6.21
C22 YET Q . 8.11 -22.31 -6.84
C5 YET Q . 7.09 -24.65 -6.45
CA CA R . 14.57 -21.19 15.77
NA NA S . 10.60 -30.42 -12.47
C1 GOL T . 14.22 1.45 -6.28
O1 GOL T . 15.19 0.74 -5.55
C2 GOL T . 12.90 0.68 -6.28
O2 GOL T . 12.03 1.17 -5.28
C3 GOL T . 12.25 0.81 -7.63
O3 GOL T . 11.32 -0.26 -7.77
C1 GOL U . -8.19 -9.40 -11.81
O1 GOL U . -8.30 -8.02 -11.94
C2 GOL U . -7.15 -9.88 -12.83
O2 GOL U . -7.66 -9.67 -14.15
C3 GOL U . -6.84 -11.34 -12.55
O3 GOL U . -6.25 -11.94 -13.66
O1 MES V . -0.36 -6.34 -14.49
C2 MES V . 0.04 -5.86 -13.21
C3 MES V . 1.23 -4.91 -13.26
N4 MES V . 1.22 -4.09 -14.47
C5 MES V . 0.66 -4.57 -15.75
C6 MES V . -0.63 -5.30 -15.42
C7 MES V . 1.78 -2.74 -14.46
C8 MES V . 3.28 -2.72 -14.14
S MES V . 3.82 -1.14 -14.11
O1S MES V . 3.84 -0.60 -15.49
O2S MES V . 2.86 -0.34 -13.31
O3S MES V . 5.17 -1.04 -13.53
C ACT W . 26.93 -11.25 -11.22
O ACT W . 25.90 -11.53 -11.89
OXT ACT W . 27.24 -11.83 -10.16
CH3 ACT W . 27.82 -10.16 -11.74
C ACT X . 17.24 -30.68 -15.93
O ACT X . 16.78 -29.73 -16.60
OXT ACT X . 16.53 -31.55 -15.38
CH3 ACT X . 18.72 -30.76 -15.75
C ACT Y . 8.36 3.77 8.10
O ACT Y . 7.80 2.98 7.31
OXT ACT Y . 7.81 4.24 9.13
CH3 ACT Y . 9.77 4.20 7.79
S DMS Z . 22.64 -24.01 -4.76
O DMS Z . 24.44 -24.07 -4.77
C1 DMS Z . 22.00 -25.30 -5.85
C2 DMS Z . 21.98 -24.59 -3.17
C ACT AA . -2.97 -10.69 11.56
O ACT AA . -2.87 -11.48 12.53
OXT ACT AA . -2.86 -11.05 10.38
CH3 ACT AA . -3.26 -9.24 11.86
#